data_3KHL
#
_entry.id   3KHL
#
_cell.length_a   52.389
_cell.length_b   52.674
_cell.length_c   100.103
_cell.angle_alpha   82.19
_cell.angle_beta   76.40
_cell.angle_gamma   70.07
#
_symmetry.space_group_name_H-M   'P 1'
#
loop_
_entity.id
_entity.type
_entity.pdbx_description
1 polymer 'DNA polymerase IV'
2 polymer "5'-D(*TP*TP*GP*GP*AP*TP*GP*GP*TP*AP*GP*AP*(DDG))-3'"
3 polymer "5'-D(*CP*C*TP*AP*AP*CP*GP*CP*TP*AP*CP*CP*AP*TP*CP*CP*AP*AP*CP*C)-3'"
4 non-polymer "THYMIDINE-5'-TRIPHOSPHATE"
5 non-polymer 'CALCIUM ION'
6 non-polymer 2-AMINOFLUORENE
7 water water
#
loop_
_entity_poly.entity_id
_entity_poly.type
_entity_poly.pdbx_seq_one_letter_code
_entity_poly.pdbx_strand_id
1 'polypeptide(L)'
;GIVLFVDFDYFYAQVEEVLNPSLKGKPVVVCVFSGRFEDSGAVATANYEARKFGVKAGIPIVEAKKILPNAVYLPMRKEV
YQQVSSRIMNLLREYSEKIEIASIDEAYLDISDKVRDYREAYNLGLEIKNKILEKEKITVTVGISKNKVFAKIAADMAKP
NGIKVIDDEEVKRLIRELDIADVPGIGNITAEKLKKLGINKLVDTLSIEFDKLKGMIGEAKAKYLISLARDEYNEPIRTR
VRKSIGRIVTMKRNSRNLEEIKPYLFRAIEESYYKLDKRIPKAIHVVAVTEDLDIVSRGRTFPHGISKETAYSESVKLLQ
KILEEDERKIRRIGVRFSKFI
;
A,B
2 'polydeoxyribonucleotide' (DT)(DT)(DG)(DG)(DA)(DT)(DG)(DG)(DT)(DA)(DG)(DA)(DDG) D,H
3 'polydeoxyribonucleotide' (DC)(DC)(DT)(DA)(DA)(DC)(DG)(DC)(DT)(DA)(DC)(DC)(DA)(DT)(DC)(DC)(DA)(DA)(DC)(DC) E,J
#
loop_
_chem_comp.id
_chem_comp.type
_chem_comp.name
_chem_comp.formula
AF non-polymer 2-AMINOFLUORENE 'C13 H11 N'
CA non-polymer 'CALCIUM ION' 'Ca 2'
DA DNA linking 2'-DEOXYADENOSINE-5'-MONOPHOSPHATE 'C10 H14 N5 O6 P'
DC DNA linking 2'-DEOXYCYTIDINE-5'-MONOPHOSPHATE 'C9 H14 N3 O7 P'
DDG DNA linking 2',3'-DIDEOXY-GUANOSINE-5'-MONOPHOSPHATE 'C10 H14 N5 O6 P'
DG DNA linking 2'-DEOXYGUANOSINE-5'-MONOPHOSPHATE 'C10 H14 N5 O7 P'
DT DNA linking THYMIDINE-5'-MONOPHOSPHATE 'C10 H15 N2 O8 P'
G RNA linking GUANOSINE-5'-MONOPHOSPHATE 'C10 H14 N5 O8 P'
TTP non-polymer THYMIDINE-5'-TRIPHOSPHATE 'C10 H17 N2 O14 P3'
#
# COMPACT_ATOMS: atom_id res chain seq x y z
N GLY A 1 20.95 -1.59 -8.07
CA GLY A 1 20.96 -2.28 -6.74
C GLY A 1 20.80 -3.79 -6.90
N ILE A 2 21.91 -4.52 -6.77
CA ILE A 2 21.85 -5.97 -6.89
C ILE A 2 22.61 -6.65 -5.74
N VAL A 3 21.86 -7.44 -4.98
CA VAL A 3 22.39 -8.10 -3.81
C VAL A 3 22.34 -9.62 -4.01
N LEU A 4 23.48 -10.28 -3.80
CA LEU A 4 23.58 -11.73 -3.86
C LEU A 4 23.84 -12.30 -2.46
N PHE A 5 22.97 -13.20 -2.01
CA PHE A 5 23.00 -13.78 -0.68
C PHE A 5 23.35 -15.26 -0.79
N VAL A 6 24.25 -15.72 0.07
CA VAL A 6 24.67 -17.13 0.09
C VAL A 6 24.36 -17.72 1.46
N ASP A 7 23.80 -18.93 1.49
CA ASP A 7 23.39 -19.61 2.71
C ASP A 7 23.75 -21.08 2.46
N PHE A 8 24.62 -21.66 3.29
CA PHE A 8 25.19 -22.99 3.03
C PHE A 8 24.16 -24.03 3.44
N ASP A 9 24.07 -25.13 2.70
CA ASP A 9 22.94 -26.08 2.93
C ASP A 9 23.19 -26.97 4.13
N TYR A 10 22.17 -27.13 4.98
CA TYR A 10 22.19 -27.98 6.19
C TYR A 10 23.59 -28.03 6.84
N PHE A 11 24.11 -26.84 7.10
CA PHE A 11 25.57 -26.67 7.17
C PHE A 11 26.37 -27.68 8.02
N TYR A 12 26.07 -27.79 9.33
CA TYR A 12 26.91 -28.68 10.16
C TYR A 12 26.86 -30.12 9.74
N ALA A 13 25.64 -30.55 9.40
CA ALA A 13 25.36 -31.89 8.90
C ALA A 13 26.08 -32.15 7.59
N GLN A 14 26.11 -31.14 6.71
CA GLN A 14 26.79 -31.34 5.42
C GLN A 14 28.31 -31.44 5.57
N VAL A 15 28.86 -30.67 6.51
CA VAL A 15 30.29 -30.82 6.82
C VAL A 15 30.58 -32.26 7.29
N GLU A 16 29.73 -32.81 8.16
CA GLU A 16 29.92 -34.20 8.61
C GLU A 16 29.81 -35.23 7.45
N GLU A 17 28.95 -34.93 6.48
CA GLU A 17 28.82 -35.76 5.27
C GLU A 17 30.09 -35.70 4.39
N VAL A 18 30.70 -34.54 4.29
CA VAL A 18 31.96 -34.41 3.52
C VAL A 18 33.09 -35.22 4.21
N LEU A 19 33.11 -35.20 5.54
CA LEU A 19 34.11 -35.93 6.32
C LEU A 19 33.90 -37.43 6.26
N ASN A 20 32.64 -37.84 6.23
CA ASN A 20 32.31 -39.24 6.12
C ASN A 20 31.23 -39.43 5.06
N PRO A 21 31.66 -39.65 3.80
CA PRO A 21 30.76 -39.81 2.67
C PRO A 21 29.74 -40.95 2.75
N SER A 22 29.95 -41.92 3.63
CA SER A 22 28.98 -43.04 3.82
C SER A 22 27.67 -42.56 4.46
N LEU A 23 27.72 -41.33 5.00
CA LEU A 23 26.57 -40.69 5.64
C LEU A 23 25.61 -40.12 4.61
N LYS A 24 26.13 -39.73 3.45
CA LYS A 24 25.34 -39.02 2.45
C LYS A 24 24.09 -39.80 2.06
N GLY A 25 22.96 -39.12 2.00
CA GLY A 25 21.73 -39.77 1.59
C GLY A 25 21.02 -40.55 2.69
N LYS A 26 21.54 -40.54 3.91
CA LYS A 26 20.77 -41.06 5.05
C LYS A 26 20.66 -40.05 6.18
N PRO A 27 19.70 -40.24 7.11
CA PRO A 27 19.43 -39.27 8.18
C PRO A 27 20.68 -39.02 9.05
N VAL A 28 21.04 -37.75 9.17
CA VAL A 28 22.15 -37.33 10.05
C VAL A 28 21.63 -36.20 10.91
N VAL A 29 21.87 -36.30 12.22
CA VAL A 29 21.47 -35.30 13.17
C VAL A 29 22.67 -34.81 13.95
N VAL A 30 22.91 -33.51 13.92
CA VAL A 30 24.01 -32.92 14.68
C VAL A 30 23.48 -32.38 16.02
N CYS A 31 24.04 -32.87 17.11
CA CYS A 31 23.54 -32.64 18.46
C CYS A 31 24.46 -31.85 19.39
N VAL A 32 23.85 -31.10 20.32
CA VAL A 32 24.57 -30.53 21.46
C VAL A 32 24.21 -31.37 22.70
N PHE A 33 25.10 -32.29 23.05
CA PHE A 33 24.93 -33.07 24.26
C PHE A 33 25.38 -32.19 25.44
N SER A 34 24.66 -32.26 26.54
CA SER A 34 24.82 -31.29 27.63
C SER A 34 25.35 -31.85 28.97
N GLY A 35 25.42 -33.17 29.09
CA GLY A 35 25.98 -33.81 30.29
C GLY A 35 24.95 -34.40 31.25
N ARG A 36 23.88 -33.64 31.49
CA ARG A 36 22.79 -33.98 32.43
C ARG A 36 22.44 -35.47 32.62
N PHE A 37 22.07 -36.15 31.54
CA PHE A 37 21.78 -37.59 31.57
C PHE A 37 21.99 -38.16 30.17
N GLU A 38 21.62 -39.42 29.99
CA GLU A 38 21.75 -40.10 28.71
C GLU A 38 20.98 -39.35 27.61
N ASP A 39 21.71 -38.82 26.64
CA ASP A 39 21.10 -38.12 25.48
C ASP A 39 20.43 -36.78 25.82
N SER A 40 20.86 -36.13 26.91
CA SER A 40 20.31 -34.80 27.20
C SER A 40 20.92 -33.73 26.29
N GLY A 41 20.10 -32.77 25.88
CA GLY A 41 20.58 -31.68 25.04
C GLY A 41 19.64 -31.43 23.87
N ALA A 42 20.14 -30.71 22.88
CA ALA A 42 19.28 -30.26 21.80
C ALA A 42 19.94 -30.54 20.48
N VAL A 43 19.13 -30.58 19.43
CA VAL A 43 19.59 -30.67 18.04
C VAL A 43 20.05 -29.31 17.53
N ALA A 44 21.23 -29.27 16.91
CA ALA A 44 21.79 -28.10 16.26
C ALA A 44 21.25 -27.99 14.83
N THR A 45 21.26 -29.12 14.12
CA THR A 45 20.62 -29.21 12.80
C THR A 45 20.60 -30.66 12.34
N ALA A 46 19.96 -30.90 11.20
CA ALA A 46 19.91 -32.23 10.67
C ALA A 46 19.86 -32.11 9.16
N ASN A 47 20.27 -33.16 8.46
CA ASN A 47 20.20 -33.13 7.00
C ASN A 47 18.74 -33.29 6.59
N TYR A 48 18.48 -33.10 5.30
CA TYR A 48 17.11 -33.08 4.81
C TYR A 48 16.43 -34.44 4.98
N GLU A 49 17.19 -35.53 4.87
CA GLU A 49 16.65 -36.88 5.05
C GLU A 49 16.02 -37.00 6.44
N ALA A 50 16.74 -36.54 7.47
CA ALA A 50 16.24 -36.51 8.85
C ALA A 50 15.07 -35.54 9.07
N ARG A 51 15.07 -34.40 8.38
CA ARG A 51 13.98 -33.43 8.50
C ARG A 51 12.62 -33.94 8.02
N LYS A 52 12.63 -34.84 7.03
N LYS A 52 12.63 -34.81 7.02
CA LYS A 52 11.41 -35.48 6.55
CA LYS A 52 11.41 -35.49 6.56
C LYS A 52 10.66 -36.15 7.70
C LYS A 52 10.66 -36.07 7.75
N PHE A 53 11.40 -36.55 8.75
CA PHE A 53 10.83 -37.22 9.94
C PHE A 53 10.59 -36.32 11.16
N GLY A 54 10.78 -35.02 10.95
CA GLY A 54 10.47 -33.97 11.93
C GLY A 54 11.62 -33.52 12.79
N VAL A 55 12.81 -34.03 12.52
CA VAL A 55 13.97 -33.68 13.31
C VAL A 55 14.56 -32.40 12.75
N LYS A 56 14.70 -31.40 13.61
CA LYS A 56 15.28 -30.12 13.17
C LYS A 56 15.84 -29.35 14.37
N ALA A 57 16.50 -28.23 14.05
CA ALA A 57 17.19 -27.39 15.02
C ALA A 57 16.28 -27.02 16.18
N GLY A 58 16.76 -27.17 17.41
CA GLY A 58 16.02 -26.76 18.58
C GLY A 58 15.40 -27.85 19.42
N ILE A 59 14.98 -28.95 18.80
CA ILE A 59 14.27 -29.96 19.55
C ILE A 59 15.24 -30.78 20.41
N PRO A 60 14.76 -31.26 21.57
CA PRO A 60 15.55 -32.11 22.42
C PRO A 60 15.90 -33.41 21.72
N ILE A 61 17.11 -33.88 21.97
CA ILE A 61 17.60 -35.13 21.39
C ILE A 61 16.67 -36.31 21.68
N VAL A 62 16.14 -36.37 22.90
CA VAL A 62 15.26 -37.45 23.33
C VAL A 62 13.97 -37.46 22.50
N GLU A 63 13.51 -36.28 22.10
CA GLU A 63 12.33 -36.20 21.25
C GLU A 63 12.66 -36.60 19.81
N ALA A 64 13.84 -36.17 19.33
CA ALA A 64 14.32 -36.56 18.00
C ALA A 64 14.39 -38.09 17.89
N LYS A 65 14.88 -38.73 18.95
CA LYS A 65 15.07 -40.19 18.94
C LYS A 65 13.74 -40.95 18.97
N LYS A 66 12.70 -40.28 19.46
CA LYS A 66 11.35 -40.84 19.45
C LYS A 66 10.77 -40.92 18.05
N ILE A 67 11.03 -39.89 17.27
CA ILE A 67 10.46 -39.83 15.93
C ILE A 67 11.44 -40.35 14.88
N LEU A 68 12.70 -40.49 15.24
CA LEU A 68 13.71 -40.92 14.27
C LEU A 68 14.80 -41.65 14.98
N PRO A 69 14.50 -42.83 15.58
CA PRO A 69 15.63 -43.52 16.22
C PRO A 69 16.73 -43.99 15.23
N ASN A 70 16.41 -44.23 13.97
CA ASN A 70 17.40 -44.89 13.11
C ASN A 70 18.68 -44.08 12.69
N ALA A 71 18.62 -42.77 12.79
CA ALA A 71 19.63 -41.85 12.24
C ALA A 71 21.03 -41.86 12.93
N VAL A 72 22.01 -41.27 12.26
CA VAL A 72 23.32 -41.04 12.87
C VAL A 72 23.25 -39.76 13.67
N TYR A 73 23.39 -39.90 14.99
CA TYR A 73 23.44 -38.76 15.91
C TYR A 73 24.89 -38.42 16.21
N LEU A 74 25.31 -37.22 15.83
CA LEU A 74 26.71 -36.81 15.99
C LEU A 74 26.85 -35.59 16.90
N PRO A 75 27.91 -35.59 17.76
CA PRO A 75 28.20 -34.44 18.60
C PRO A 75 28.63 -33.26 17.73
N MET A 76 28.18 -32.07 18.09
CA MET A 76 28.51 -30.87 17.34
C MET A 76 30.01 -30.57 17.50
N ARG A 77 30.70 -30.40 16.36
CA ARG A 77 32.12 -30.11 16.33
C ARG A 77 32.38 -28.70 15.79
N LYS A 78 31.99 -27.69 16.58
CA LYS A 78 31.92 -26.29 16.13
C LYS A 78 33.21 -25.80 15.43
N GLU A 79 34.36 -26.07 16.06
CA GLU A 79 35.68 -25.73 15.53
C GLU A 79 35.88 -26.12 14.07
N VAL A 80 35.49 -27.34 13.74
CA VAL A 80 35.60 -27.85 12.37
C VAL A 80 34.68 -27.09 11.40
N TYR A 81 33.45 -26.78 11.82
CA TYR A 81 32.52 -26.04 10.95
C TYR A 81 33.00 -24.61 10.73
N GLN A 82 33.60 -24.00 11.76
CA GLN A 82 34.15 -22.63 11.64
C GLN A 82 35.33 -22.59 10.67
N GLN A 83 36.17 -23.62 10.70
CA GLN A 83 37.27 -23.73 9.74
C GLN A 83 36.72 -23.76 8.30
N VAL A 84 35.74 -24.64 8.06
CA VAL A 84 35.13 -24.72 6.74
C VAL A 84 34.49 -23.38 6.36
N SER A 85 33.74 -22.78 7.30
CA SER A 85 33.08 -21.49 7.05
C SER A 85 34.09 -20.42 6.61
N SER A 86 35.16 -20.28 7.38
CA SER A 86 36.17 -19.24 7.12
C SER A 86 36.77 -19.31 5.73
N ARG A 87 37.11 -20.52 5.29
CA ARG A 87 37.59 -20.74 3.92
C ARG A 87 36.58 -20.33 2.86
N ILE A 88 35.31 -20.74 3.03
CA ILE A 88 34.27 -20.31 2.11
C ILE A 88 34.06 -18.79 2.12
N MET A 89 34.01 -18.18 3.29
CA MET A 89 33.85 -16.72 3.36
C MET A 89 34.98 -15.96 2.65
N ASN A 90 36.18 -16.52 2.70
CA ASN A 90 37.31 -15.99 1.95
C ASN A 90 37.20 -16.19 0.44
N LEU A 91 36.56 -17.28 0.02
CA LEU A 91 36.23 -17.49 -1.41
C LEU A 91 35.26 -16.40 -1.91
N LEU A 92 34.22 -16.16 -1.13
CA LEU A 92 33.21 -15.14 -1.44
C LEU A 92 33.78 -13.72 -1.55
N ARG A 93 34.76 -13.41 -0.69
CA ARG A 93 35.45 -12.10 -0.71
C ARG A 93 36.02 -11.77 -2.09
N GLU A 94 36.41 -12.81 -2.82
CA GLU A 94 37.00 -12.69 -4.16
C GLU A 94 36.00 -12.26 -5.23
N TYR A 95 34.70 -12.34 -4.93
CA TYR A 95 33.67 -11.90 -5.88
C TYR A 95 33.15 -10.49 -5.62
N SER A 96 33.43 -9.96 -4.43
CA SER A 96 33.01 -8.58 -4.08
C SER A 96 33.62 -8.10 -2.75
N GLU A 97 34.14 -6.87 -2.76
CA GLU A 97 34.67 -6.21 -1.55
C GLU A 97 33.58 -5.76 -0.59
N LYS A 98 32.38 -5.53 -1.12
CA LYS A 98 31.23 -5.19 -0.30
C LYS A 98 30.50 -6.48 0.13
N ILE A 99 30.95 -7.05 1.24
CA ILE A 99 30.40 -8.29 1.77
C ILE A 99 29.97 -8.09 3.22
N GLU A 100 28.86 -8.73 3.58
CA GLU A 100 28.36 -8.72 4.96
C GLU A 100 28.15 -10.16 5.45
N ILE A 101 29.09 -10.63 6.29
CA ILE A 101 29.01 -11.95 6.90
C ILE A 101 27.93 -11.88 7.96
N ALA A 102 26.83 -12.61 7.77
CA ALA A 102 25.70 -12.51 8.66
C ALA A 102 25.65 -13.60 9.74
N SER A 103 26.34 -14.71 9.53
CA SER A 103 26.32 -15.85 10.46
C SER A 103 27.42 -16.84 10.09
N ILE A 104 27.49 -17.97 10.81
CA ILE A 104 28.46 -18.99 10.47
C ILE A 104 28.30 -19.50 9.03
N ASP A 105 27.14 -19.26 8.42
CA ASP A 105 26.87 -19.85 7.09
C ASP A 105 26.13 -19.00 6.09
N GLU A 106 26.15 -17.68 6.30
CA GLU A 106 25.40 -16.72 5.51
C GLU A 106 26.28 -15.52 5.19
N ALA A 107 26.21 -15.02 3.96
CA ALA A 107 26.85 -13.74 3.60
C ALA A 107 26.09 -13.03 2.47
N TYR A 108 26.02 -11.71 2.55
CA TYR A 108 25.44 -10.89 1.49
C TYR A 108 26.54 -10.23 0.73
N LEU A 109 26.45 -10.23 -0.59
CA LEU A 109 27.38 -9.50 -1.43
C LEU A 109 26.62 -8.45 -2.21
N ASP A 110 27.14 -7.22 -2.18
CA ASP A 110 26.64 -6.16 -3.07
C ASP A 110 27.41 -6.25 -4.38
N ILE A 111 26.75 -6.72 -5.42
CA ILE A 111 27.38 -6.92 -6.73
C ILE A 111 26.90 -5.92 -7.80
N SER A 112 26.32 -4.81 -7.34
CA SER A 112 25.81 -3.75 -8.22
C SER A 112 26.85 -3.24 -9.23
N ASP A 113 28.12 -3.20 -8.82
CA ASP A 113 29.20 -2.76 -9.70
C ASP A 113 29.93 -3.91 -10.40
N LYS A 114 29.49 -5.15 -10.16
CA LYS A 114 30.13 -6.33 -10.77
C LYS A 114 29.35 -6.88 -11.95
N VAL A 115 28.05 -6.66 -11.97
CA VAL A 115 27.18 -7.17 -13.02
C VAL A 115 26.21 -6.11 -13.45
N ARG A 116 25.84 -6.14 -14.72
CA ARG A 116 24.96 -5.15 -15.33
C ARG A 116 23.48 -5.38 -15.05
N ASP A 117 23.12 -6.65 -14.81
CA ASP A 117 21.70 -7.07 -14.75
C ASP A 117 21.52 -8.42 -14.04
N TYR A 118 20.27 -8.84 -13.90
CA TYR A 118 19.93 -10.08 -13.22
C TYR A 118 20.41 -11.35 -13.92
N ARG A 119 20.45 -11.30 -15.25
CA ARG A 119 20.97 -12.39 -16.07
C ARG A 119 22.45 -12.65 -15.73
N GLU A 120 23.26 -11.59 -15.71
CA GLU A 120 24.66 -11.68 -15.32
C GLU A 120 24.83 -12.06 -13.84
N ALA A 121 23.94 -11.53 -13.00
CA ALA A 121 23.94 -11.89 -11.56
C ALA A 121 23.75 -13.41 -11.39
N TYR A 122 22.83 -13.96 -12.19
CA TYR A 122 22.52 -15.37 -12.11
C TYR A 122 23.78 -16.19 -12.49
N ASN A 123 24.43 -15.83 -13.61
CA ASN A 123 25.69 -16.49 -14.01
C ASN A 123 26.76 -16.43 -12.93
N LEU A 124 26.90 -15.27 -12.27
CA LEU A 124 27.82 -15.12 -11.14
C LEU A 124 27.45 -15.99 -9.95
N GLY A 125 26.15 -16.13 -9.67
CA GLY A 125 25.70 -17.06 -8.63
C GLY A 125 26.12 -18.49 -8.91
N LEU A 126 26.00 -18.95 -10.16
CA LEU A 126 26.42 -20.31 -10.53
C LEU A 126 27.95 -20.46 -10.40
N GLU A 127 28.71 -19.46 -10.84
CA GLU A 127 30.17 -19.49 -10.67
C GLU A 127 30.55 -19.64 -9.20
N ILE A 128 29.86 -18.91 -8.34
CA ILE A 128 30.13 -18.97 -6.92
C ILE A 128 29.79 -20.37 -6.38
N LYS A 129 28.61 -20.88 -6.73
CA LYS A 129 28.21 -22.24 -6.34
C LYS A 129 29.22 -23.28 -6.81
N ASN A 130 29.63 -23.15 -8.07
CA ASN A 130 30.58 -24.10 -8.64
C ASN A 130 31.90 -24.04 -7.91
N LYS A 131 32.38 -22.83 -7.65
CA LYS A 131 33.66 -22.64 -6.98
C LYS A 131 33.65 -23.26 -5.57
N ILE A 132 32.59 -22.99 -4.81
CA ILE A 132 32.50 -23.51 -3.43
C ILE A 132 32.42 -25.03 -3.43
N LEU A 133 31.61 -25.57 -4.33
CA LEU A 133 31.55 -27.02 -4.49
C LEU A 133 32.91 -27.61 -4.88
N GLU A 134 33.68 -26.92 -5.73
CA GLU A 134 34.98 -27.41 -6.20
C GLU A 134 35.96 -27.47 -5.03
N LYS A 135 36.10 -26.34 -4.34
CA LYS A 135 37.06 -26.16 -3.26
C LYS A 135 36.69 -26.84 -1.95
N GLU A 136 35.40 -26.87 -1.60
CA GLU A 136 35.00 -27.39 -0.28
C GLU A 136 34.05 -28.57 -0.32
N LYS A 137 33.57 -28.92 -1.51
CA LYS A 137 32.54 -29.96 -1.68
C LYS A 137 31.26 -29.68 -0.88
N ILE A 138 30.96 -28.39 -0.71
CA ILE A 138 29.78 -27.91 0.01
C ILE A 138 28.80 -27.28 -0.99
N THR A 139 27.55 -27.75 -0.98
CA THR A 139 26.49 -27.12 -1.75
C THR A 139 25.91 -25.95 -0.95
N VAL A 140 25.52 -24.91 -1.68
CA VAL A 140 24.94 -23.70 -1.10
C VAL A 140 23.75 -23.22 -1.93
N THR A 141 22.92 -22.39 -1.32
CA THR A 141 21.82 -21.79 -2.03
C THR A 141 22.10 -20.30 -2.23
N VAL A 142 21.88 -19.82 -3.45
CA VAL A 142 22.04 -18.42 -3.79
C VAL A 142 20.70 -17.75 -4.02
N GLY A 143 20.49 -16.62 -3.34
CA GLY A 143 19.35 -15.73 -3.55
C GLY A 143 19.80 -14.37 -4.09
N ILE A 144 19.07 -13.86 -5.07
CA ILE A 144 19.45 -12.63 -5.78
C ILE A 144 18.25 -11.71 -5.90
N SER A 145 18.38 -10.48 -5.42
CA SER A 145 17.33 -9.49 -5.64
C SER A 145 17.85 -8.09 -5.45
N LYS A 146 16.93 -7.15 -5.27
CA LYS A 146 17.23 -5.74 -5.25
C LYS A 146 17.76 -5.23 -3.89
N ASN A 147 17.52 -5.99 -2.82
CA ASN A 147 17.97 -5.62 -1.47
C ASN A 147 18.22 -6.89 -0.65
N LYS A 148 18.68 -6.73 0.59
CA LYS A 148 19.06 -7.88 1.43
C LYS A 148 17.90 -8.78 1.78
N VAL A 149 16.74 -8.19 2.06
CA VAL A 149 15.61 -8.95 2.58
C VAL A 149 15.09 -9.87 1.49
N PHE A 150 14.88 -9.33 0.28
CA PHE A 150 14.40 -10.14 -0.79
C PHE A 150 15.43 -11.12 -1.36
N ALA A 151 16.72 -10.80 -1.21
CA ALA A 151 17.74 -11.78 -1.60
C ALA A 151 17.71 -12.99 -0.67
N LYS A 152 17.47 -12.74 0.63
CA LYS A 152 17.39 -13.80 1.62
C LYS A 152 16.13 -14.63 1.43
N ILE A 153 15.00 -13.95 1.17
CA ILE A 153 13.77 -14.66 0.81
C ILE A 153 13.93 -15.52 -0.44
N ALA A 154 14.65 -15.01 -1.44
CA ALA A 154 14.98 -15.80 -2.65
C ALA A 154 15.72 -17.10 -2.32
N ALA A 155 16.71 -17.03 -1.45
CA ALA A 155 17.40 -18.24 -1.01
C ALA A 155 16.49 -19.22 -0.24
N ASP A 156 15.59 -18.70 0.59
CA ASP A 156 14.62 -19.55 1.33
C ASP A 156 13.72 -20.39 0.42
N MET A 157 13.28 -19.78 -0.67
CA MET A 157 12.45 -20.41 -1.70
C MET A 157 13.24 -21.43 -2.49
N ALA A 158 14.53 -21.22 -2.63
CA ALA A 158 15.33 -22.08 -3.50
C ALA A 158 16.08 -23.23 -2.75
N LYS A 159 16.09 -23.18 -1.42
CA LYS A 159 16.77 -24.17 -0.54
C LYS A 159 16.24 -25.61 -0.74
N PRO A 160 17.12 -26.65 -0.79
CA PRO A 160 18.60 -26.68 -0.76
C PRO A 160 19.23 -26.71 -2.15
N ASN A 161 20.52 -26.43 -2.22
CA ASN A 161 21.28 -26.42 -3.47
C ASN A 161 20.60 -25.69 -4.62
N GLY A 162 20.05 -24.52 -4.33
CA GLY A 162 19.31 -23.80 -5.36
C GLY A 162 19.96 -22.49 -5.76
N ILE A 163 19.35 -21.83 -6.72
CA ILE A 163 19.65 -20.44 -7.07
C ILE A 163 18.34 -19.82 -7.57
N LYS A 164 18.06 -18.60 -7.11
CA LYS A 164 16.84 -17.90 -7.46
C LYS A 164 17.01 -16.37 -7.53
N VAL A 165 16.48 -15.79 -8.60
CA VAL A 165 16.34 -14.35 -8.75
C VAL A 165 14.89 -13.98 -8.41
N ILE A 166 14.73 -12.97 -7.57
CA ILE A 166 13.43 -12.33 -7.42
C ILE A 166 13.52 -10.97 -8.06
N ASP A 167 12.97 -10.86 -9.27
CA ASP A 167 13.06 -9.65 -10.07
C ASP A 167 12.01 -8.62 -9.59
N ASP A 168 11.96 -7.45 -10.20
CA ASP A 168 11.11 -6.36 -9.70
C ASP A 168 9.63 -6.74 -9.70
N GLU A 169 9.20 -7.42 -10.74
CA GLU A 169 7.84 -7.93 -10.79
C GLU A 169 7.49 -8.96 -9.69
N GLU A 170 8.43 -9.82 -9.33
CA GLU A 170 8.15 -10.81 -8.29
C GLU A 170 8.20 -10.21 -6.88
N VAL A 171 9.03 -9.17 -6.70
CA VAL A 171 9.00 -8.38 -5.46
C VAL A 171 7.57 -7.85 -5.20
N LYS A 172 6.95 -7.29 -6.25
CA LYS A 172 5.58 -6.78 -6.17
C LYS A 172 4.57 -7.89 -5.84
N ARG A 173 4.74 -9.06 -6.45
CA ARG A 173 3.89 -10.22 -6.12
C ARG A 173 4.03 -10.66 -4.65
N LEU A 174 5.26 -10.67 -4.13
CA LEU A 174 5.52 -11.08 -2.74
C LEU A 174 5.02 -10.08 -1.70
N ILE A 175 5.11 -8.79 -2.01
CA ILE A 175 4.52 -7.77 -1.15
C ILE A 175 3.02 -8.10 -0.98
N ARG A 176 2.38 -8.48 -2.08
CA ARG A 176 0.98 -8.89 -2.10
C ARG A 176 0.71 -10.25 -1.47
N GLU A 177 1.58 -11.22 -1.73
CA GLU A 177 1.22 -12.62 -1.55
C GLU A 177 1.97 -13.39 -0.46
N LEU A 178 3.13 -12.88 -0.06
CA LEU A 178 3.95 -13.56 0.94
C LEU A 178 3.40 -13.44 2.36
N ASP A 179 3.12 -14.59 2.98
CA ASP A 179 2.79 -14.66 4.40
C ASP A 179 3.80 -13.84 5.21
N ILE A 180 3.32 -12.90 6.00
CA ILE A 180 4.20 -11.98 6.71
C ILE A 180 5.17 -12.70 7.69
N ALA A 181 4.75 -13.85 8.21
CA ALA A 181 5.60 -14.72 9.04
C ALA A 181 6.93 -15.07 8.36
N ASP A 182 6.90 -15.14 7.04
CA ASP A 182 8.06 -15.54 6.23
C ASP A 182 9.00 -14.40 5.89
N VAL A 183 8.64 -13.20 6.33
CA VAL A 183 9.54 -12.05 6.23
C VAL A 183 10.60 -12.15 7.32
N PRO A 184 11.88 -12.08 6.95
CA PRO A 184 12.99 -12.02 7.92
C PRO A 184 12.73 -11.04 9.07
N GLY A 185 13.03 -11.47 10.29
CA GLY A 185 12.79 -10.66 11.47
C GLY A 185 11.40 -10.74 12.04
N ILE A 186 10.48 -11.41 11.33
CA ILE A 186 9.11 -11.53 11.82
C ILE A 186 8.91 -12.95 12.32
N GLY A 187 8.89 -13.09 13.64
CA GLY A 187 8.75 -14.39 14.26
C GLY A 187 7.35 -14.62 14.79
N ASN A 188 7.21 -15.71 15.53
CA ASN A 188 5.92 -16.16 16.05
C ASN A 188 5.18 -15.07 16.84
N ILE A 189 5.89 -14.44 17.77
CA ILE A 189 5.32 -13.37 18.61
C ILE A 189 4.86 -12.16 17.80
N THR A 190 5.73 -11.64 16.91
CA THR A 190 5.35 -10.50 16.08
C THR A 190 4.21 -10.84 15.13
N ALA A 191 4.25 -12.05 14.56
CA ALA A 191 3.25 -12.51 13.60
C ALA A 191 1.87 -12.56 14.22
N GLU A 192 1.80 -13.04 15.45
CA GLU A 192 0.52 -13.18 16.16
C GLU A 192 -0.11 -11.84 16.51
N LYS A 193 0.73 -10.88 16.88
CA LYS A 193 0.33 -9.49 17.09
C LYS A 193 -0.21 -8.88 15.79
N LEU A 194 0.48 -9.14 14.68
CA LEU A 194 0.04 -8.69 13.36
C LEU A 194 -1.29 -9.32 12.97
N LYS A 195 -1.44 -10.61 13.25
CA LYS A 195 -2.71 -11.32 13.05
C LYS A 195 -3.90 -10.61 13.71
N LYS A 196 -3.63 -9.88 14.79
CA LYS A 196 -4.69 -9.17 15.54
C LYS A 196 -5.08 -7.85 14.87
N LEU A 197 -4.12 -7.25 14.15
CA LEU A 197 -4.35 -5.98 13.45
C LEU A 197 -4.90 -6.20 12.04
N GLY A 198 -5.13 -7.46 11.70
CA GLY A 198 -5.60 -7.85 10.38
C GLY A 198 -4.48 -8.03 9.38
N ILE A 199 -3.23 -7.85 9.84
CA ILE A 199 -2.07 -7.85 8.94
C ILE A 199 -1.49 -9.25 8.71
N ASN A 200 -1.72 -9.77 7.51
CA ASN A 200 -1.27 -11.09 7.11
C ASN A 200 -0.23 -11.05 6.00
N LYS A 201 -0.27 -9.98 5.20
CA LYS A 201 0.66 -9.81 4.09
C LYS A 201 1.39 -8.49 4.26
N LEU A 202 2.58 -8.37 3.66
CA LEU A 202 3.33 -7.11 3.70
C LEU A 202 2.48 -5.90 3.27
N VAL A 203 1.69 -6.09 2.20
CA VAL A 203 0.82 -5.05 1.65
C VAL A 203 -0.24 -4.48 2.65
N ASP A 204 -0.70 -5.33 3.57
CA ASP A 204 -1.66 -4.91 4.60
C ASP A 204 -1.13 -3.78 5.48
N THR A 205 0.20 -3.67 5.57
CA THR A 205 0.81 -2.65 6.41
C THR A 205 0.61 -1.24 5.85
N LEU A 206 0.26 -1.15 4.57
CA LEU A 206 0.13 0.14 3.92
C LEU A 206 -1.16 0.86 4.27
N SER A 207 -2.19 0.10 4.65
CA SER A 207 -3.51 0.66 4.91
C SER A 207 -3.77 0.94 6.40
N ILE A 208 -2.86 0.48 7.26
CA ILE A 208 -3.05 0.62 8.70
C ILE A 208 -2.46 1.94 9.23
N GLU A 209 -3.16 2.57 10.17
CA GLU A 209 -2.65 3.73 10.90
C GLU A 209 -1.26 3.42 11.48
N PHE A 210 -0.30 4.31 11.22
CA PHE A 210 1.10 4.05 11.55
C PHE A 210 1.37 3.91 13.06
N ASP A 211 0.63 4.67 13.88
CA ASP A 211 0.81 4.60 15.32
C ASP A 211 0.12 3.42 16.01
N LYS A 212 -0.88 2.83 15.37
CA LYS A 212 -1.48 1.59 15.85
C LYS A 212 -0.53 0.42 15.61
N LEU A 213 0.20 0.49 14.50
CA LEU A 213 1.22 -0.51 14.20
C LEU A 213 2.43 -0.31 15.09
N LYS A 214 2.79 0.96 15.30
CA LYS A 214 3.85 1.34 16.21
C LYS A 214 3.51 0.90 17.65
N GLY A 215 2.29 1.23 18.09
CA GLY A 215 1.83 0.87 19.43
C GLY A 215 1.71 -0.63 19.66
N MET A 216 1.89 -1.42 18.60
CA MET A 216 1.72 -2.87 18.65
C MET A 216 3.05 -3.63 18.53
N ILE A 217 3.90 -3.21 17.60
CA ILE A 217 5.15 -3.95 17.34
C ILE A 217 6.39 -3.08 17.52
N GLY A 218 6.18 -1.80 17.84
CA GLY A 218 7.28 -0.90 18.10
C GLY A 218 7.80 -0.19 16.86
N GLU A 219 8.40 0.97 17.09
CA GLU A 219 8.85 1.86 16.02
C GLU A 219 9.71 1.18 14.95
N ALA A 220 10.81 0.55 15.37
CA ALA A 220 11.77 -0.03 14.44
C ALA A 220 11.17 -1.06 13.47
N LYS A 221 10.37 -1.99 14.01
CA LYS A 221 9.74 -3.04 13.19
C LYS A 221 8.64 -2.53 12.27
N ALA A 222 7.89 -1.54 12.76
CA ALA A 222 6.86 -0.88 11.97
C ALA A 222 7.51 -0.19 10.78
N LYS A 223 8.54 0.63 11.05
CA LYS A 223 9.30 1.28 9.99
C LYS A 223 9.83 0.26 8.99
N TYR A 224 10.35 -0.85 9.50
CA TYR A 224 10.95 -1.90 8.70
C TYR A 224 9.96 -2.44 7.69
N LEU A 225 8.83 -2.94 8.19
CA LEU A 225 7.78 -3.53 7.37
C LEU A 225 7.18 -2.57 6.34
N ILE A 226 6.89 -1.34 6.75
CA ILE A 226 6.34 -0.36 5.83
C ILE A 226 7.31 -0.06 4.68
N SER A 227 8.59 0.09 5.00
CA SER A 227 9.64 0.33 4.00
C SER A 227 9.78 -0.79 2.98
N LEU A 228 9.65 -2.03 3.47
CA LEU A 228 9.65 -3.22 2.64
C LEU A 228 8.41 -3.22 1.75
N ALA A 229 7.26 -2.97 2.36
CA ALA A 229 6.00 -2.96 1.64
C ALA A 229 5.97 -1.82 0.61
N ARG A 230 6.64 -0.71 0.91
CA ARG A 230 6.69 0.42 0.00
C ARG A 230 7.62 0.16 -1.16
N ASP A 231 8.37 -0.95 -1.09
CA ASP A 231 9.35 -1.31 -2.13
C ASP A 231 10.48 -0.28 -2.10
N GLU A 232 10.86 0.11 -0.88
CA GLU A 232 11.86 1.16 -0.66
C GLU A 232 13.07 0.72 0.15
N TYR A 233 12.94 -0.42 0.86
CA TYR A 233 14.03 -0.92 1.70
C TYR A 233 15.29 -1.02 0.87
N ASN A 234 16.38 -0.45 1.37
CA ASN A 234 17.64 -0.34 0.64
C ASN A 234 18.81 -0.23 1.62
N GLU A 235 18.81 -1.04 2.68
CA GLU A 235 19.86 -0.99 3.70
C GLU A 235 21.20 -1.49 3.14
N PRO A 236 22.30 -0.75 3.39
CA PRO A 236 23.57 -1.09 2.72
C PRO A 236 24.21 -2.37 3.26
N ILE A 237 24.96 -3.02 2.39
CA ILE A 237 25.79 -4.13 2.80
C ILE A 237 26.97 -3.51 3.56
N ARG A 238 27.10 -3.91 4.82
CA ARG A 238 28.16 -3.38 5.66
C ARG A 238 28.84 -4.49 6.45
N THR A 239 30.16 -4.35 6.65
CA THR A 239 30.92 -5.31 7.45
C THR A 239 30.28 -5.40 8.83
N ARG A 240 30.08 -6.63 9.32
CA ARG A 240 29.53 -6.79 10.65
C ARG A 240 30.64 -6.66 11.70
N VAL A 241 30.35 -5.94 12.77
CA VAL A 241 31.31 -5.75 13.83
C VAL A 241 30.79 -6.51 15.04
N ARG A 242 31.57 -7.49 15.48
CA ARG A 242 31.31 -8.20 16.72
C ARG A 242 31.05 -7.21 17.87
N LYS A 243 29.95 -7.43 18.60
CA LYS A 243 29.63 -6.59 19.78
C LYS A 243 29.81 -7.30 21.12
N SER A 244 29.66 -8.62 21.13
CA SER A 244 29.79 -9.41 22.35
C SER A 244 30.32 -10.81 22.08
N ILE A 245 31.07 -11.31 23.03
CA ILE A 245 31.65 -12.62 22.95
C ILE A 245 31.37 -13.29 24.28
N GLY A 246 30.74 -14.46 24.21
CA GLY A 246 30.27 -15.13 25.40
C GLY A 246 30.29 -16.64 25.33
N ARG A 247 30.09 -17.26 26.48
CA ARG A 247 30.04 -18.70 26.62
C ARG A 247 29.06 -19.04 27.75
N ILE A 248 28.27 -20.09 27.52
CA ILE A 248 27.33 -20.58 28.52
C ILE A 248 27.41 -22.11 28.52
N VAL A 249 27.50 -22.66 29.73
CA VAL A 249 27.66 -24.09 29.95
C VAL A 249 26.53 -24.60 30.82
N THR A 250 26.14 -25.85 30.60
CA THR A 250 25.10 -26.51 31.38
C THR A 250 25.79 -27.24 32.50
N MET A 251 25.33 -27.01 33.72
CA MET A 251 25.90 -27.72 34.84
C MET A 251 25.31 -29.12 34.87
N LYS A 252 26.09 -30.06 35.39
CA LYS A 252 25.67 -31.46 35.47
C LYS A 252 24.36 -31.55 36.27
N ARG A 253 24.34 -30.95 37.45
CA ARG A 253 23.14 -30.87 38.28
C ARG A 253 22.82 -29.42 38.67
N ASN A 254 21.54 -29.09 38.81
CA ASN A 254 21.11 -27.78 39.31
C ASN A 254 21.73 -27.49 40.67
N SER A 255 22.09 -26.24 40.91
CA SER A 255 22.81 -25.89 42.13
C SER A 255 22.61 -24.44 42.54
N ARG A 256 22.90 -24.17 43.80
CA ARG A 256 22.98 -22.82 44.32
C ARG A 256 24.26 -22.68 45.14
N ASN A 257 25.10 -23.70 45.06
CA ASN A 257 26.40 -23.72 45.72
C ASN A 257 27.43 -22.94 44.90
N LEU A 258 27.90 -21.82 45.45
CA LEU A 258 28.83 -20.92 44.73
C LEU A 258 30.10 -21.65 44.32
N GLU A 259 30.69 -22.40 45.26
CA GLU A 259 31.90 -23.19 44.99
C GLU A 259 31.64 -24.25 43.93
N GLU A 260 30.44 -24.82 43.94
CA GLU A 260 30.06 -25.82 42.95
C GLU A 260 29.85 -25.14 41.59
N ILE A 261 29.30 -23.93 41.58
CA ILE A 261 29.06 -23.20 40.33
C ILE A 261 30.33 -22.60 39.70
N LYS A 262 31.29 -22.20 40.55
CA LYS A 262 32.45 -21.40 40.10
C LYS A 262 33.28 -22.01 38.96
N PRO A 263 33.64 -23.32 39.07
CA PRO A 263 34.40 -23.96 38.00
C PRO A 263 33.78 -23.86 36.62
N TYR A 264 32.45 -23.95 36.55
CA TYR A 264 31.70 -23.80 35.29
C TYR A 264 31.85 -22.34 34.78
N LEU A 265 31.68 -21.39 35.69
CA LEU A 265 31.81 -19.98 35.37
C LEU A 265 33.22 -19.61 34.87
N PHE A 266 34.24 -20.13 35.55
CA PHE A 266 35.64 -19.87 35.18
C PHE A 266 36.01 -20.45 33.84
N ARG A 267 35.57 -21.69 33.60
CA ARG A 267 35.60 -22.33 32.29
C ARG A 267 34.93 -21.45 31.21
N ALA A 268 33.75 -20.92 31.50
CA ALA A 268 33.11 -19.97 30.57
C ALA A 268 33.97 -18.72 30.32
N ILE A 269 34.58 -18.16 31.37
CA ILE A 269 35.49 -17.00 31.20
C ILE A 269 36.73 -17.35 30.37
N GLU A 270 37.41 -18.45 30.74
CA GLU A 270 38.59 -18.91 30.00
C GLU A 270 38.27 -19.04 28.54
N GLU A 271 37.16 -19.72 28.22
CA GLU A 271 36.76 -19.90 26.83
C GLU A 271 36.41 -18.61 26.12
N SER A 272 35.66 -17.74 26.79
CA SER A 272 35.34 -16.40 26.24
C SER A 272 36.58 -15.61 25.89
N TYR A 273 37.54 -15.60 26.81
CA TYR A 273 38.76 -14.84 26.62
C TYR A 273 39.62 -15.30 25.46
N TYR A 274 39.60 -16.60 25.16
CA TYR A 274 40.28 -17.11 23.96
C TYR A 274 39.69 -16.54 22.67
N LYS A 275 38.36 -16.43 22.61
CA LYS A 275 37.65 -15.94 21.42
C LYS A 275 37.73 -14.43 21.21
N LEU A 276 38.13 -13.70 22.25
CA LEU A 276 38.20 -12.24 22.16
C LEU A 276 39.25 -11.76 21.14
N ASP A 277 40.34 -12.51 21.04
CA ASP A 277 41.34 -12.29 19.99
C ASP A 277 41.75 -10.82 19.81
N LYS A 278 42.41 -10.27 20.84
CA LYS A 278 42.92 -8.88 20.86
C LYS A 278 41.91 -7.81 21.29
N ARG A 279 40.62 -8.11 21.15
CA ARG A 279 39.60 -7.21 21.66
C ARG A 279 39.70 -7.12 23.18
N ILE A 280 39.51 -5.90 23.68
CA ILE A 280 39.48 -5.65 25.12
C ILE A 280 38.12 -5.13 25.54
N PRO A 281 37.39 -5.90 26.36
CA PRO A 281 36.05 -5.54 26.81
C PRO A 281 36.00 -4.61 28.04
N LYS A 282 35.05 -3.67 28.05
CA LYS A 282 34.84 -2.82 29.19
C LYS A 282 33.62 -3.26 29.98
N ALA A 283 32.83 -4.19 29.47
CA ALA A 283 31.65 -4.67 30.23
C ALA A 283 31.66 -6.17 30.34
N ILE A 284 31.10 -6.67 31.44
CA ILE A 284 30.94 -8.12 31.64
C ILE A 284 29.56 -8.36 32.22
N HIS A 285 28.88 -9.39 31.70
CA HIS A 285 27.57 -9.78 32.21
C HIS A 285 27.65 -11.24 32.55
N VAL A 286 27.11 -11.61 33.71
CA VAL A 286 26.89 -13.01 34.03
C VAL A 286 25.44 -13.38 33.74
N VAL A 287 25.24 -14.56 33.14
CA VAL A 287 23.90 -15.06 32.86
C VAL A 287 23.64 -16.37 33.60
N ALA A 288 22.49 -16.45 34.26
CA ALA A 288 22.04 -17.68 34.88
C ALA A 288 20.74 -18.13 34.23
N VAL A 289 20.68 -19.39 33.81
CA VAL A 289 19.42 -19.97 33.40
C VAL A 289 18.92 -20.79 34.58
N THR A 290 17.77 -20.41 35.09
CA THR A 290 17.19 -21.05 36.29
C THR A 290 16.54 -22.41 35.98
N GLU A 291 16.13 -23.13 37.03
CA GLU A 291 15.47 -24.44 36.86
C GLU A 291 14.30 -24.43 35.87
N ASP A 292 13.53 -23.33 35.84
CA ASP A 292 12.37 -23.26 34.93
C ASP A 292 12.68 -22.60 33.57
N LEU A 293 13.97 -22.47 33.28
CA LEU A 293 14.48 -21.98 31.99
C LEU A 293 14.25 -20.49 31.75
N ASP A 294 13.92 -19.77 32.81
CA ASP A 294 14.01 -18.31 32.78
C ASP A 294 15.49 -17.90 32.69
N ILE A 295 15.75 -16.78 32.03
CA ILE A 295 17.10 -16.26 31.87
C ILE A 295 17.26 -14.99 32.70
N VAL A 296 18.24 -14.99 33.60
CA VAL A 296 18.51 -13.85 34.48
C VAL A 296 19.95 -13.40 34.27
N SER A 297 20.18 -12.09 34.14
CA SER A 297 21.55 -11.59 34.02
C SER A 297 21.85 -10.35 34.86
N ARG A 298 23.12 -10.23 35.27
CA ARG A 298 23.63 -9.05 35.95
C ARG A 298 25.00 -8.70 35.38
N GLY A 299 25.24 -7.41 35.16
CA GLY A 299 26.47 -6.99 34.53
C GLY A 299 27.10 -5.80 35.23
N ARG A 300 28.28 -5.40 34.77
CA ARG A 300 28.97 -4.25 35.30
C ARG A 300 29.83 -3.70 34.17
N THR A 301 29.83 -2.38 34.04
CA THR A 301 30.57 -1.71 33.00
C THR A 301 31.58 -0.82 33.68
N PHE A 302 32.81 -0.87 33.17
CA PHE A 302 33.94 -0.07 33.67
C PHE A 302 34.28 1.03 32.66
N PRO A 303 34.96 2.11 33.11
CA PRO A 303 35.52 3.08 32.16
C PRO A 303 36.82 2.60 31.46
N HIS A 304 37.17 1.33 31.62
CA HIS A 304 38.46 0.82 31.11
C HIS A 304 38.31 -0.66 30.84
N GLY A 305 39.32 -1.27 30.20
CA GLY A 305 39.21 -2.67 29.83
C GLY A 305 39.27 -3.57 31.05
N ILE A 306 38.70 -4.75 30.92
CA ILE A 306 38.68 -5.76 31.96
C ILE A 306 39.73 -6.81 31.65
N SER A 307 40.77 -6.92 32.48
CA SER A 307 41.75 -8.02 32.38
C SER A 307 41.11 -9.40 32.67
N LYS A 308 41.71 -10.47 32.15
CA LYS A 308 41.17 -11.82 32.41
C LYS A 308 41.03 -12.08 33.91
N GLU A 309 42.08 -11.75 34.66
CA GLU A 309 42.12 -11.96 36.10
C GLU A 309 41.03 -11.16 36.82
N THR A 310 40.83 -9.92 36.38
CA THR A 310 39.74 -9.08 36.87
C THR A 310 38.38 -9.69 36.57
N ALA A 311 38.22 -10.27 35.38
CA ALA A 311 36.95 -10.90 35.00
C ALA A 311 36.57 -12.03 35.94
N TYR A 312 37.56 -12.74 36.48
CA TYR A 312 37.28 -13.87 37.35
C TYR A 312 36.59 -13.35 38.59
N SER A 313 37.18 -12.35 39.24
CA SER A 313 36.64 -11.85 40.51
C SER A 313 35.36 -11.06 40.33
N GLU A 314 35.26 -10.32 39.23
CA GLU A 314 34.01 -9.60 38.95
C GLU A 314 32.83 -10.53 38.68
N SER A 315 33.06 -11.60 37.90
CA SER A 315 32.00 -12.57 37.63
C SER A 315 31.45 -13.24 38.89
N VAL A 316 32.33 -13.49 39.85
CA VAL A 316 31.93 -14.08 41.13
C VAL A 316 30.92 -13.17 41.81
N LYS A 317 31.20 -11.88 41.84
CA LYS A 317 30.30 -10.93 42.51
C LYS A 317 28.99 -10.78 41.77
N LEU A 318 29.03 -10.84 40.45
CA LEU A 318 27.78 -10.81 39.68
C LEU A 318 26.95 -12.04 39.96
N LEU A 319 27.60 -13.21 40.06
CA LEU A 319 26.88 -14.46 40.39
C LEU A 319 26.36 -14.41 41.84
N GLN A 320 27.12 -13.83 42.78
CA GLN A 320 26.61 -13.63 44.14
C GLN A 320 25.36 -12.73 44.14
N LYS A 321 25.40 -11.69 43.31
CA LYS A 321 24.20 -10.85 43.14
C LYS A 321 22.94 -11.61 42.66
N ILE A 322 23.10 -12.44 41.62
CA ILE A 322 22.00 -13.24 41.10
C ILE A 322 21.46 -14.18 42.19
N LEU A 323 22.38 -14.91 42.81
CA LEU A 323 22.06 -15.83 43.91
C LEU A 323 21.38 -15.14 45.11
N GLU A 324 21.70 -13.86 45.35
CA GLU A 324 21.08 -13.09 46.44
C GLU A 324 19.71 -12.54 46.02
N GLU A 325 19.52 -12.29 44.73
CA GLU A 325 18.28 -11.67 44.25
C GLU A 325 17.28 -12.64 43.62
N ASP A 326 17.69 -13.89 43.47
CA ASP A 326 16.83 -14.91 42.89
C ASP A 326 17.05 -16.22 43.64
N GLU A 327 15.93 -16.79 44.10
CA GLU A 327 15.97 -17.96 44.98
C GLU A 327 16.00 -19.28 44.20
N ARG A 328 15.52 -19.26 42.96
CA ARG A 328 15.54 -20.43 42.09
C ARG A 328 16.96 -20.99 41.89
N LYS A 329 17.04 -22.29 41.64
CA LYS A 329 18.31 -22.99 41.48
C LYS A 329 18.81 -22.77 40.06
N ILE A 330 20.13 -22.74 39.89
CA ILE A 330 20.67 -22.47 38.57
C ILE A 330 20.97 -23.76 37.82
N ARG A 331 20.62 -23.76 36.53
CA ARG A 331 20.79 -24.89 35.64
C ARG A 331 21.93 -24.66 34.63
N ARG A 332 21.99 -23.43 34.10
CA ARG A 332 23.08 -23.03 33.18
C ARG A 332 23.72 -21.71 33.66
N ILE A 333 25.01 -21.56 33.41
CA ILE A 333 25.72 -20.38 33.90
C ILE A 333 26.65 -19.94 32.80
N GLY A 334 26.72 -18.63 32.60
CA GLY A 334 27.56 -18.12 31.54
C GLY A 334 28.01 -16.71 31.75
N VAL A 335 28.87 -16.28 30.83
CA VAL A 335 29.45 -14.97 30.90
C VAL A 335 29.52 -14.36 29.51
N ARG A 336 29.33 -13.04 29.43
CA ARG A 336 29.47 -12.35 28.16
C ARG A 336 30.27 -11.05 28.32
N PHE A 337 31.12 -10.78 27.34
CA PHE A 337 31.94 -9.56 27.31
C PHE A 337 31.52 -8.67 26.17
N SER A 338 31.50 -7.38 26.44
CA SER A 338 31.07 -6.41 25.44
C SER A 338 31.74 -5.06 25.62
N LYS A 339 31.30 -4.09 24.81
CA LYS A 339 31.82 -2.72 24.81
C LYS A 339 33.33 -2.75 24.59
N PHE A 340 33.75 -3.34 23.47
CA PHE A 340 35.16 -3.57 23.20
C PHE A 340 35.84 -2.24 22.92
N ILE A 341 37.10 -2.10 23.29
CA ILE A 341 37.82 -0.84 23.00
C ILE A 341 38.11 -0.71 21.53
P DDG B 13 17.92 -17.67 10.01
OP1 DDG B 13 18.41 -18.42 8.84
OP2 DDG B 13 16.85 -18.25 10.87
O5' DDG B 13 19.15 -17.28 10.98
C5' DDG B 13 20.38 -16.78 10.45
C4' DDG B 13 21.56 -17.46 11.13
O4' DDG B 13 21.42 -17.29 12.57
C3' DDG B 13 21.71 -18.96 10.87
C2' DDG B 13 22.24 -19.53 12.20
C1' DDG B 13 21.83 -18.47 13.23
N9 DDG B 13 20.78 -18.87 14.19
C8 DDG B 13 19.42 -18.64 14.19
N7 DDG B 13 18.83 -19.16 15.24
C5 DDG B 13 19.85 -19.74 15.98
C6 DDG B 13 19.86 -20.44 17.22
O6 DDG B 13 18.91 -20.70 17.97
N1 DDG B 13 21.14 -20.84 17.58
C2 DDG B 13 22.29 -20.61 16.84
N2 DDG B 13 23.45 -21.07 17.31
N3 DDG B 13 22.28 -19.97 15.70
C4 DDG B 13 21.05 -19.56 15.34
N GLY D 1 -0.82 18.79 2.16
CA GLY D 1 -1.77 19.77 1.59
C GLY D 1 -3.15 19.71 2.25
N ILE D 2 -3.89 20.81 2.15
CA ILE D 2 -5.26 20.87 2.64
C ILE D 2 -6.20 21.42 1.57
N VAL D 3 -7.22 20.64 1.25
CA VAL D 3 -8.23 20.99 0.24
C VAL D 3 -9.60 21.16 0.89
N LEU D 4 -10.30 22.23 0.53
CA LEU D 4 -11.68 22.48 0.95
C LEU D 4 -12.60 22.40 -0.29
N PHE D 5 -13.56 21.47 -0.28
CA PHE D 5 -14.48 21.31 -1.39
C PHE D 5 -15.87 21.81 -0.94
N VAL D 6 -16.55 22.53 -1.84
CA VAL D 6 -17.89 23.10 -1.59
C VAL D 6 -18.82 22.55 -2.63
N ASP D 7 -19.97 22.07 -2.16
CA ASP D 7 -20.99 21.47 -3.04
C ASP D 7 -22.36 22.05 -2.56
N PHE D 8 -23.08 22.76 -3.42
CA PHE D 8 -24.30 23.47 -2.98
C PHE D 8 -25.41 22.48 -2.83
N ASP D 9 -26.26 22.66 -1.82
CA ASP D 9 -27.29 21.67 -1.50
C ASP D 9 -28.47 21.76 -2.47
N TYR D 10 -28.92 20.60 -2.98
CA TYR D 10 -30.05 20.46 -3.90
C TYR D 10 -30.23 21.69 -4.79
N PHE D 11 -29.13 22.01 -5.47
CA PHE D 11 -28.91 23.36 -5.97
C PHE D 11 -30.07 24.04 -6.70
N TYR D 12 -30.54 23.47 -7.82
CA TYR D 12 -31.61 24.17 -8.58
C TYR D 12 -32.89 24.36 -7.78
N ALA D 13 -33.25 23.31 -7.05
CA ALA D 13 -34.47 23.31 -6.27
C ALA D 13 -34.33 24.31 -5.12
N GLN D 14 -33.12 24.43 -4.58
CA GLN D 14 -32.90 25.38 -3.51
C GLN D 14 -33.02 26.83 -3.97
N VAL D 15 -32.48 27.14 -5.15
CA VAL D 15 -32.61 28.50 -5.69
C VAL D 15 -34.11 28.83 -5.87
N GLU D 16 -34.88 27.89 -6.39
CA GLU D 16 -36.33 28.10 -6.53
C GLU D 16 -37.00 28.38 -5.18
N GLU D 17 -36.61 27.64 -4.15
CA GLU D 17 -37.13 27.87 -2.81
C GLU D 17 -36.75 29.26 -2.25
N VAL D 18 -35.53 29.71 -2.52
CA VAL D 18 -35.14 31.06 -2.10
C VAL D 18 -35.97 32.15 -2.82
N LEU D 19 -36.26 31.93 -4.09
CA LEU D 19 -37.03 32.91 -4.88
C LEU D 19 -38.51 32.95 -4.52
N ASN D 20 -39.01 31.80 -4.11
CA ASN D 20 -40.43 31.55 -3.88
C ASN D 20 -40.57 30.80 -2.55
N PRO D 21 -40.28 31.48 -1.42
CA PRO D 21 -39.97 30.85 -0.12
C PRO D 21 -41.15 30.14 0.54
N SER D 22 -42.35 30.37 0.01
CA SER D 22 -43.52 29.55 0.30
C SER D 22 -43.26 28.06 0.01
N LEU D 23 -42.80 27.76 -1.22
CA LEU D 23 -42.38 26.41 -1.65
C LEU D 23 -41.72 25.54 -0.58
N LYS D 24 -40.89 26.14 0.27
CA LYS D 24 -40.21 25.42 1.32
C LYS D 24 -41.24 24.71 2.19
N GLY D 25 -40.87 23.56 2.73
CA GLY D 25 -41.81 22.68 3.43
C GLY D 25 -42.75 21.91 2.51
N LYS D 26 -42.44 21.87 1.21
CA LYS D 26 -43.10 20.91 0.30
C LYS D 26 -42.15 20.33 -0.75
N PRO D 27 -42.54 19.19 -1.35
CA PRO D 27 -41.69 18.60 -2.41
C PRO D 27 -41.59 19.47 -3.66
N VAL D 28 -40.36 19.74 -4.08
CA VAL D 28 -40.10 20.56 -5.27
C VAL D 28 -39.26 19.79 -6.27
N VAL D 29 -39.74 19.75 -7.51
CA VAL D 29 -39.12 18.98 -8.57
C VAL D 29 -38.83 19.93 -9.71
N VAL D 30 -37.55 20.08 -10.05
CA VAL D 30 -37.15 20.92 -11.16
C VAL D 30 -36.99 20.08 -12.42
N CYS D 31 -37.76 20.45 -13.45
CA CYS D 31 -37.95 19.60 -14.62
C CYS D 31 -37.37 20.20 -15.92
N VAL D 32 -36.87 19.33 -16.79
CA VAL D 32 -36.50 19.70 -18.17
C VAL D 32 -37.59 19.19 -19.11
N PHE D 33 -38.49 20.09 -19.46
CA PHE D 33 -39.60 19.81 -20.36
C PHE D 33 -39.08 19.87 -21.81
N SER D 34 -39.36 18.83 -22.59
CA SER D 34 -38.75 18.65 -23.91
C SER D 34 -39.60 19.16 -25.07
N GLY D 35 -40.89 19.43 -24.80
CA GLY D 35 -41.80 19.90 -25.84
C GLY D 35 -42.39 18.83 -26.74
N ARG D 36 -42.17 17.56 -26.39
CA ARG D 36 -42.74 16.44 -27.14
C ARG D 36 -44.26 16.37 -26.95
N PHE D 37 -44.65 15.85 -25.80
CA PHE D 37 -46.03 15.75 -25.39
C PHE D 37 -46.11 16.41 -24.02
N GLU D 38 -47.32 16.51 -23.48
CA GLU D 38 -47.51 17.05 -22.14
C GLU D 38 -46.68 16.25 -21.11
N ASP D 39 -45.78 16.95 -20.42
CA ASP D 39 -44.97 16.36 -19.33
C ASP D 39 -43.86 15.44 -19.82
N SER D 40 -43.50 15.56 -21.10
CA SER D 40 -42.35 14.82 -21.60
C SER D 40 -41.09 15.51 -21.10
N GLY D 41 -40.13 14.71 -20.65
CA GLY D 41 -38.85 15.21 -20.22
C GLY D 41 -38.36 14.49 -19.00
N ALA D 42 -37.33 15.06 -18.37
CA ALA D 42 -36.67 14.43 -17.22
C ALA D 42 -36.53 15.41 -16.07
N VAL D 43 -36.41 14.88 -14.85
CA VAL D 43 -36.07 15.67 -13.67
C VAL D 43 -34.58 16.07 -13.65
N ALA D 44 -34.31 17.34 -13.36
CA ALA D 44 -32.92 17.83 -13.26
C ALA D 44 -32.42 17.64 -11.82
N THR D 45 -33.31 17.95 -10.89
CA THR D 45 -33.08 17.64 -9.47
C THR D 45 -34.38 17.83 -8.71
N ALA D 46 -34.35 17.52 -7.42
CA ALA D 46 -35.53 17.63 -6.58
C ALA D 46 -34.97 17.86 -5.20
N ASN D 47 -35.74 18.56 -4.37
CA ASN D 47 -35.35 18.82 -2.99
C ASN D 47 -35.49 17.54 -2.14
N TYR D 48 -34.95 17.58 -0.93
CA TYR D 48 -34.77 16.37 -0.16
C TYR D 48 -36.12 15.77 0.21
N GLU D 49 -37.13 16.61 0.38
CA GLU D 49 -38.50 16.16 0.65
C GLU D 49 -38.95 15.22 -0.46
N ALA D 50 -38.67 15.60 -1.71
CA ALA D 50 -39.11 14.84 -2.88
C ALA D 50 -38.34 13.53 -3.11
N ARG D 51 -37.05 13.52 -2.75
CA ARG D 51 -36.17 12.37 -2.96
C ARG D 51 -36.47 11.22 -2.00
N LYS D 52 -36.95 11.56 -0.82
CA LYS D 52 -37.39 10.55 0.12
C LYS D 52 -38.33 9.58 -0.60
N PHE D 53 -39.13 10.10 -1.53
CA PHE D 53 -40.12 9.27 -2.24
C PHE D 53 -39.63 8.72 -3.58
N GLY D 54 -38.34 8.92 -3.87
CA GLY D 54 -37.70 8.39 -5.08
C GLY D 54 -37.66 9.35 -6.26
N VAL D 55 -38.09 10.59 -6.07
CA VAL D 55 -38.07 11.57 -7.15
C VAL D 55 -36.69 12.21 -7.18
N LYS D 56 -35.93 11.86 -8.21
CA LYS D 56 -34.51 12.16 -8.30
C LYS D 56 -34.08 12.52 -9.71
N ALA D 57 -32.88 13.09 -9.80
CA ALA D 57 -32.23 13.48 -11.05
C ALA D 57 -32.23 12.35 -12.06
N GLY D 58 -32.76 12.62 -13.25
CA GLY D 58 -32.65 11.66 -14.35
C GLY D 58 -33.93 10.93 -14.73
N ILE D 59 -34.84 10.78 -13.76
CA ILE D 59 -36.10 10.07 -14.02
C ILE D 59 -37.05 10.94 -14.86
N PRO D 60 -37.83 10.28 -15.74
CA PRO D 60 -38.86 10.96 -16.52
C PRO D 60 -39.85 11.71 -15.65
N ILE D 61 -40.29 12.87 -16.13
CA ILE D 61 -41.25 13.67 -15.38
C ILE D 61 -42.55 12.90 -15.13
N VAL D 62 -43.02 12.16 -16.15
CA VAL D 62 -44.26 11.37 -16.06
C VAL D 62 -44.22 10.30 -14.97
N GLU D 63 -43.03 9.76 -14.73
CA GLU D 63 -42.85 8.81 -13.64
C GLU D 63 -42.86 9.51 -12.29
N ALA D 64 -42.21 10.67 -12.21
CA ALA D 64 -42.24 11.48 -11.00
C ALA D 64 -43.67 11.87 -10.60
N LYS D 65 -44.47 12.30 -11.58
CA LYS D 65 -45.87 12.66 -11.33
C LYS D 65 -46.72 11.48 -10.86
N LYS D 66 -46.37 10.28 -11.31
CA LYS D 66 -47.02 9.07 -10.86
C LYS D 66 -46.81 8.90 -9.36
N ILE D 67 -45.59 9.14 -8.89
CA ILE D 67 -45.30 9.01 -7.46
C ILE D 67 -45.84 10.17 -6.63
N LEU D 68 -45.55 11.39 -7.07
CA LEU D 68 -45.96 12.58 -6.32
C LEU D 68 -46.77 13.52 -7.19
N PRO D 69 -48.06 13.21 -7.39
CA PRO D 69 -48.87 14.09 -8.22
C PRO D 69 -49.07 15.47 -7.59
N ASN D 70 -48.85 15.55 -6.29
CA ASN D 70 -49.02 16.83 -5.57
C ASN D 70 -47.77 17.66 -5.37
N ALA D 71 -46.61 17.15 -5.76
CA ALA D 71 -45.37 17.95 -5.72
C ALA D 71 -45.50 19.22 -6.57
N VAL D 72 -44.62 20.17 -6.29
CA VAL D 72 -44.51 21.38 -7.07
C VAL D 72 -43.53 21.13 -8.20
N TYR D 73 -44.01 21.22 -9.44
CA TYR D 73 -43.22 20.95 -10.63
C TYR D 73 -42.84 22.25 -11.31
N LEU D 74 -41.54 22.52 -11.41
CA LEU D 74 -41.05 23.79 -11.90
C LEU D 74 -40.13 23.57 -13.06
N PRO D 75 -40.25 24.41 -14.10
CA PRO D 75 -39.38 24.29 -15.23
C PRO D 75 -37.98 24.76 -14.83
N MET D 76 -36.96 24.10 -15.35
CA MET D 76 -35.60 24.50 -15.09
C MET D 76 -35.33 25.91 -15.69
N ARG D 77 -34.78 26.79 -14.88
CA ARG D 77 -34.40 28.11 -15.31
C ARG D 77 -32.87 28.21 -15.17
N LYS D 78 -32.15 27.64 -16.11
CA LYS D 78 -30.70 27.45 -15.94
C LYS D 78 -29.92 28.80 -15.78
N GLU D 79 -30.32 29.82 -16.55
CA GLU D 79 -29.75 31.19 -16.52
C GLU D 79 -29.75 31.79 -15.13
N VAL D 80 -30.86 31.58 -14.44
CA VAL D 80 -31.04 32.02 -13.07
C VAL D 80 -30.08 31.31 -12.11
N TYR D 81 -29.97 29.98 -12.23
CA TYR D 81 -29.07 29.22 -11.34
C TYR D 81 -27.64 29.59 -11.66
N GLN D 82 -27.37 29.91 -12.93
CA GLN D 82 -26.02 30.28 -13.35
C GLN D 82 -25.60 31.64 -12.77
N GLN D 83 -26.54 32.58 -12.71
CA GLN D 83 -26.29 33.87 -12.07
C GLN D 83 -25.94 33.68 -10.57
N VAL D 84 -26.76 32.92 -9.83
CA VAL D 84 -26.49 32.61 -8.44
C VAL D 84 -25.13 31.89 -8.29
N SER D 85 -24.87 30.89 -9.13
CA SER D 85 -23.59 30.17 -9.10
C SER D 85 -22.39 31.09 -9.28
N SER D 86 -22.44 31.95 -10.29
CA SER D 86 -21.32 32.85 -10.57
C SER D 86 -21.05 33.76 -9.38
N ARG D 87 -22.12 34.26 -8.76
CA ARG D 87 -21.95 35.06 -7.55
C ARG D 87 -21.30 34.28 -6.40
N ILE D 88 -21.77 33.06 -6.14
CA ILE D 88 -21.18 32.24 -5.07
C ILE D 88 -19.69 31.92 -5.34
N MET D 89 -19.38 31.51 -6.56
CA MET D 89 -17.99 31.26 -6.95
C MET D 89 -17.09 32.46 -6.67
N ASN D 90 -17.62 33.67 -6.89
CA ASN D 90 -16.86 34.90 -6.63
C ASN D 90 -16.61 35.12 -5.14
N LEU D 91 -17.53 34.68 -4.29
CA LEU D 91 -17.33 34.71 -2.85
C LEU D 91 -16.22 33.74 -2.45
N LEU D 92 -16.21 32.56 -3.04
CA LEU D 92 -15.19 31.56 -2.74
C LEU D 92 -13.80 32.05 -3.06
N ARG D 93 -13.68 32.88 -4.10
CA ARG D 93 -12.42 33.46 -4.48
C ARG D 93 -11.79 34.33 -3.40
N GLU D 94 -12.61 34.84 -2.48
CA GLU D 94 -12.11 35.61 -1.33
C GLU D 94 -11.19 34.77 -0.46
N TYR D 95 -11.45 33.46 -0.42
CA TYR D 95 -10.82 32.59 0.54
C TYR D 95 -9.57 31.92 -0.03
N SER D 96 -9.49 31.83 -1.34
CA SER D 96 -8.31 31.32 -2.02
C SER D 96 -8.32 31.65 -3.52
N GLU D 97 -7.18 32.08 -4.04
CA GLU D 97 -7.04 32.28 -5.49
C GLU D 97 -6.54 31.00 -6.18
N LYS D 98 -6.42 29.91 -5.43
CA LYS D 98 -6.24 28.58 -6.02
C LYS D 98 -7.59 27.88 -5.95
N ILE D 99 -8.40 28.09 -6.98
CA ILE D 99 -9.75 27.57 -7.01
C ILE D 99 -9.99 26.80 -8.29
N GLU D 100 -10.64 25.65 -8.16
CA GLU D 100 -11.04 24.85 -9.30
C GLU D 100 -12.56 24.67 -9.26
N ILE D 101 -13.23 25.43 -10.13
CA ILE D 101 -14.67 25.28 -10.31
C ILE D 101 -14.87 23.99 -11.09
N ALA D 102 -15.59 23.04 -10.50
CA ALA D 102 -15.73 21.72 -11.09
C ALA D 102 -17.06 21.54 -11.83
N SER D 103 -18.06 22.34 -11.47
CA SER D 103 -19.36 22.31 -12.12
C SER D 103 -20.13 23.56 -11.70
N ILE D 104 -21.38 23.64 -12.12
CA ILE D 104 -22.26 24.73 -11.73
C ILE D 104 -22.37 24.86 -10.19
N ASP D 105 -22.18 23.77 -9.47
CA ASP D 105 -22.35 23.88 -8.01
C ASP D 105 -21.24 23.30 -7.11
N GLU D 106 -20.03 23.16 -7.62
CA GLU D 106 -18.92 22.64 -6.79
C GLU D 106 -17.63 23.32 -7.15
N ALA D 107 -16.82 23.56 -6.13
CA ALA D 107 -15.50 24.13 -6.31
C ALA D 107 -14.54 23.51 -5.29
N TYR D 108 -13.29 23.35 -5.72
CA TYR D 108 -12.20 22.98 -4.82
C TYR D 108 -11.35 24.20 -4.57
N LEU D 109 -11.01 24.42 -3.30
CA LEU D 109 -10.05 25.44 -2.91
C LEU D 109 -8.81 24.78 -2.29
N ASP D 110 -7.64 25.15 -2.79
CA ASP D 110 -6.38 24.78 -2.13
C ASP D 110 -6.15 25.85 -1.05
N ILE D 111 -6.27 25.44 0.20
CA ILE D 111 -6.14 26.36 1.32
C ILE D 111 -4.86 26.07 2.13
N SER D 112 -3.93 25.34 1.51
CA SER D 112 -2.63 24.96 2.12
C SER D 112 -1.86 26.12 2.74
N ASP D 113 -1.87 27.26 2.05
CA ASP D 113 -1.13 28.44 2.49
C ASP D 113 -2.01 29.45 3.19
N LYS D 114 -3.27 29.07 3.41
CA LYS D 114 -4.23 29.94 4.12
C LYS D 114 -4.44 29.55 5.58
N VAL D 115 -4.21 28.27 5.90
CA VAL D 115 -4.42 27.73 7.25
C VAL D 115 -3.32 26.72 7.57
N ARG D 116 -3.10 26.47 8.86
CA ARG D 116 -1.95 25.68 9.30
C ARG D 116 -2.29 24.23 9.58
N ASP D 117 -3.56 23.95 9.86
CA ASP D 117 -3.98 22.64 10.34
C ASP D 117 -5.50 22.49 10.13
N TYR D 118 -6.03 21.32 10.48
CA TYR D 118 -7.43 21.03 10.19
C TYR D 118 -8.42 21.84 11.02
N ARG D 119 -8.04 22.17 12.26
N ARG D 119 -8.03 22.17 12.25
CA ARG D 119 -8.89 22.99 13.14
CA ARG D 119 -8.86 22.97 13.14
C ARG D 119 -9.18 24.36 12.52
C ARG D 119 -9.17 24.34 12.52
N GLU D 120 -8.13 25.01 12.02
CA GLU D 120 -8.28 26.29 11.31
C GLU D 120 -9.05 26.08 9.99
N ALA D 121 -8.84 24.92 9.36
CA ALA D 121 -9.53 24.58 8.11
C ALA D 121 -11.03 24.51 8.35
N TYR D 122 -11.40 23.87 9.46
CA TYR D 122 -12.79 23.76 9.89
C TYR D 122 -13.42 25.14 10.04
N ASN D 123 -12.73 26.04 10.75
CA ASN D 123 -13.18 27.42 10.96
C ASN D 123 -13.40 28.18 9.66
N LEU D 124 -12.52 27.95 8.69
CA LEU D 124 -12.63 28.58 7.38
C LEU D 124 -13.85 28.03 6.66
N GLY D 125 -14.10 26.73 6.82
CA GLY D 125 -15.31 26.11 6.25
C GLY D 125 -16.59 26.73 6.79
N LEU D 126 -16.63 27.01 8.09
CA LEU D 126 -17.79 27.64 8.72
C LEU D 126 -17.95 29.06 8.21
N GLU D 127 -16.85 29.81 8.17
CA GLU D 127 -16.85 31.17 7.63
C GLU D 127 -17.43 31.23 6.20
N ILE D 128 -17.05 30.25 5.39
CA ILE D 128 -17.48 30.16 3.99
C ILE D 128 -18.98 29.84 3.95
N LYS D 129 -19.39 28.81 4.68
CA LYS D 129 -20.82 28.50 4.81
C LYS D 129 -21.64 29.72 5.26
N ASN D 130 -21.17 30.40 6.31
CA ASN D 130 -21.89 31.55 6.84
C ASN D 130 -22.03 32.68 5.83
N LYS D 131 -20.96 33.00 5.11
CA LYS D 131 -20.98 34.09 4.13
C LYS D 131 -21.95 33.81 2.96
N ILE D 132 -21.91 32.59 2.42
CA ILE D 132 -22.81 32.20 1.33
C ILE D 132 -24.25 32.27 1.79
N LEU D 133 -24.51 31.79 3.00
CA LEU D 133 -25.84 31.94 3.59
C LEU D 133 -26.26 33.41 3.75
N GLU D 134 -25.35 34.26 4.22
CA GLU D 134 -25.69 35.68 4.45
C GLU D 134 -26.01 36.34 3.13
N LYS D 135 -25.16 36.09 2.15
CA LYS D 135 -25.22 36.78 0.88
C LYS D 135 -26.24 36.21 -0.08
N GLU D 136 -26.39 34.90 -0.11
CA GLU D 136 -27.17 34.26 -1.18
C GLU D 136 -28.31 33.42 -0.65
N LYS D 137 -28.33 33.22 0.67
CA LYS D 137 -29.40 32.46 1.33
C LYS D 137 -29.37 31.00 0.90
N ILE D 138 -28.18 30.52 0.54
CA ILE D 138 -28.00 29.18 0.04
C ILE D 138 -27.15 28.37 1.01
N THR D 139 -27.68 27.21 1.42
CA THR D 139 -26.91 26.26 2.20
C THR D 139 -26.01 25.41 1.30
N VAL D 140 -24.82 25.10 1.80
CA VAL D 140 -23.82 24.28 1.10
C VAL D 140 -23.21 23.22 2.04
N THR D 141 -22.58 22.21 1.45
CA THR D 141 -21.86 21.22 2.22
C THR D 141 -20.37 21.39 1.92
N VAL D 142 -19.57 21.32 2.97
CA VAL D 142 -18.13 21.48 2.84
C VAL D 142 -17.43 20.16 3.22
N GLY D 143 -16.53 19.71 2.34
CA GLY D 143 -15.67 18.59 2.65
C GLY D 143 -14.24 19.07 2.73
N ILE D 144 -13.50 18.57 3.71
CA ILE D 144 -12.11 18.97 3.90
C ILE D 144 -11.24 17.75 4.13
N SER D 145 -10.17 17.64 3.35
CA SER D 145 -9.19 16.61 3.53
C SER D 145 -7.86 16.98 2.88
N LYS D 146 -7.04 15.96 2.67
CA LYS D 146 -5.68 16.12 2.24
C LYS D 146 -5.54 16.20 0.72
N ASN D 147 -6.57 15.79 -0.01
CA ASN D 147 -6.56 15.81 -1.46
C ASN D 147 -7.98 16.00 -2.01
N LYS D 148 -8.13 16.15 -3.32
CA LYS D 148 -9.42 16.51 -3.89
C LYS D 148 -10.47 15.41 -3.73
N VAL D 149 -10.05 14.18 -3.90
CA VAL D 149 -10.97 13.05 -3.84
C VAL D 149 -11.54 12.89 -2.43
N PHE D 150 -10.68 12.94 -1.41
CA PHE D 150 -11.16 12.70 -0.04
C PHE D 150 -11.97 13.90 0.49
N ALA D 151 -11.64 15.10 0.02
CA ALA D 151 -12.46 16.30 0.28
C ALA D 151 -13.87 16.13 -0.30
N LYS D 152 -13.97 15.62 -1.53
CA LYS D 152 -15.27 15.33 -2.15
C LYS D 152 -16.04 14.25 -1.37
N ILE D 153 -15.35 13.16 -0.99
CA ILE D 153 -15.97 12.12 -0.19
C ILE D 153 -16.46 12.68 1.15
N ALA D 154 -15.65 13.53 1.78
CA ALA D 154 -16.05 14.18 3.03
C ALA D 154 -17.38 14.91 2.87
N ALA D 155 -17.52 15.66 1.77
CA ALA D 155 -18.77 16.36 1.49
C ALA D 155 -19.96 15.41 1.33
N ASP D 156 -19.78 14.36 0.53
CA ASP D 156 -20.80 13.32 0.32
C ASP D 156 -21.30 12.77 1.66
N MET D 157 -20.39 12.66 2.63
CA MET D 157 -20.71 12.14 3.96
C MET D 157 -21.48 13.12 4.80
N ALA D 158 -21.27 14.41 4.56
CA ALA D 158 -21.86 15.43 5.40
C ALA D 158 -23.11 16.08 4.79
N LYS D 159 -23.44 15.76 3.53
CA LYS D 159 -24.57 16.45 2.87
C LYS D 159 -25.94 15.98 3.39
N PRO D 160 -26.93 16.91 3.50
CA PRO D 160 -26.88 18.34 3.16
C PRO D 160 -26.54 19.24 4.34
N ASN D 161 -26.19 20.49 4.04
CA ASN D 161 -25.88 21.53 5.05
C ASN D 161 -24.91 21.05 6.11
N GLY D 162 -23.84 20.39 5.67
CA GLY D 162 -22.88 19.83 6.58
C GLY D 162 -21.50 20.40 6.41
N ILE D 163 -20.59 19.90 7.24
CA ILE D 163 -19.18 20.21 7.14
C ILE D 163 -18.46 19.03 7.79
N LYS D 164 -17.40 18.59 7.15
CA LYS D 164 -16.68 17.38 7.55
C LYS D 164 -15.21 17.46 7.12
N VAL D 165 -14.34 17.18 8.09
CA VAL D 165 -12.92 16.96 7.86
C VAL D 165 -12.68 15.45 7.88
N ILE D 166 -12.01 14.93 6.87
CA ILE D 166 -11.43 13.58 6.94
C ILE D 166 -9.93 13.72 7.21
N ASP D 167 -9.52 13.41 8.44
CA ASP D 167 -8.10 13.52 8.83
C ASP D 167 -7.27 12.34 8.30
N ASP D 168 -5.97 12.32 8.57
CA ASP D 168 -5.11 11.29 8.00
C ASP D 168 -5.49 9.88 8.44
N GLU D 169 -5.89 9.74 9.69
CA GLU D 169 -6.34 8.46 10.19
C GLU D 169 -7.67 8.00 9.56
N GLU D 170 -8.60 8.93 9.34
CA GLU D 170 -9.86 8.54 8.70
C GLU D 170 -9.67 8.20 7.21
N VAL D 171 -8.71 8.85 6.56
CA VAL D 171 -8.26 8.44 5.21
C VAL D 171 -7.88 6.96 5.17
N LYS D 172 -7.09 6.51 6.14
CA LYS D 172 -6.70 5.11 6.23
C LYS D 172 -7.90 4.17 6.44
N ARG D 173 -8.83 4.56 7.32
CA ARG D 173 -10.03 3.76 7.57
C ARG D 173 -10.89 3.65 6.31
N LEU D 174 -10.98 4.74 5.56
CA LEU D 174 -11.83 4.75 4.38
C LEU D 174 -11.23 3.94 3.23
N ILE D 175 -9.90 3.96 3.14
CA ILE D 175 -9.18 3.11 2.18
C ILE D 175 -9.54 1.62 2.43
N ARG D 176 -9.65 1.26 3.71
CA ARG D 176 -10.04 -0.10 4.10
C ARG D 176 -11.54 -0.39 4.04
N GLU D 177 -12.38 0.62 4.30
CA GLU D 177 -13.79 0.35 4.58
C GLU D 177 -14.79 0.91 3.58
N LEU D 178 -14.42 1.95 2.85
CA LEU D 178 -15.32 2.56 1.86
C LEU D 178 -15.60 1.65 0.67
N ASP D 179 -16.88 1.38 0.43
CA ASP D 179 -17.33 0.67 -0.76
C ASP D 179 -16.73 1.34 -2.00
N ILE D 180 -16.09 0.55 -2.86
CA ILE D 180 -15.40 1.11 -4.01
C ILE D 180 -16.34 1.93 -4.93
N ALA D 181 -17.59 1.49 -5.00
CA ALA D 181 -18.64 2.19 -5.74
C ALA D 181 -18.89 3.62 -5.25
N ASP D 182 -18.45 3.91 -4.03
CA ASP D 182 -18.56 5.24 -3.44
C ASP D 182 -17.37 6.14 -3.77
N VAL D 183 -16.38 5.62 -4.47
CA VAL D 183 -15.23 6.43 -4.85
C VAL D 183 -15.55 7.23 -6.12
N PRO D 184 -15.27 8.55 -6.10
CA PRO D 184 -15.52 9.37 -7.29
C PRO D 184 -14.87 8.77 -8.53
N GLY D 185 -15.65 8.64 -9.59
CA GLY D 185 -15.15 8.17 -10.88
C GLY D 185 -15.36 6.69 -11.10
N ILE D 186 -15.96 6.02 -10.12
CA ILE D 186 -16.29 4.61 -10.21
C ILE D 186 -17.82 4.46 -10.30
N GLY D 187 -18.34 4.42 -11.52
CA GLY D 187 -19.78 4.24 -11.73
C GLY D 187 -20.20 2.78 -11.75
N ASN D 188 -21.43 2.53 -12.21
CA ASN D 188 -22.00 1.17 -12.26
C ASN D 188 -21.18 0.16 -13.03
N ILE D 189 -20.73 0.56 -14.23
CA ILE D 189 -19.94 -0.32 -15.11
C ILE D 189 -18.62 -0.77 -14.47
N THR D 190 -17.82 0.18 -13.97
CA THR D 190 -16.54 -0.12 -13.35
C THR D 190 -16.73 -0.96 -12.07
N ALA D 191 -17.75 -0.63 -11.29
CA ALA D 191 -18.05 -1.32 -10.03
C ALA D 191 -18.29 -2.79 -10.26
N GLU D 192 -18.98 -3.13 -11.34
CA GLU D 192 -19.27 -4.53 -11.67
C GLU D 192 -18.06 -5.28 -12.24
N LYS D 193 -17.24 -4.58 -13.01
CA LYS D 193 -15.99 -5.13 -13.48
C LYS D 193 -15.07 -5.43 -12.30
N LEU D 194 -15.09 -4.54 -11.30
CA LEU D 194 -14.29 -4.67 -10.09
C LEU D 194 -14.79 -5.77 -9.15
N LYS D 195 -16.12 -5.93 -9.07
CA LYS D 195 -16.69 -7.03 -8.29
C LYS D 195 -16.26 -8.39 -8.85
N LYS D 196 -16.16 -8.46 -10.18
CA LYS D 196 -15.72 -9.68 -10.88
C LYS D 196 -14.27 -10.04 -10.59
N LEU D 197 -13.46 -9.04 -10.27
CA LEU D 197 -12.08 -9.25 -9.86
C LEU D 197 -11.95 -9.51 -8.35
N GLY D 198 -13.08 -9.51 -7.65
CA GLY D 198 -13.10 -9.67 -6.20
C GLY D 198 -12.75 -8.40 -5.43
N ILE D 199 -12.78 -7.25 -6.12
CA ILE D 199 -12.43 -5.94 -5.53
C ILE D 199 -13.64 -5.16 -5.00
N ASN D 200 -13.72 -5.05 -3.68
CA ASN D 200 -14.87 -4.46 -3.00
C ASN D 200 -14.57 -3.13 -2.30
N LYS D 201 -13.30 -2.91 -1.97
CA LYS D 201 -12.87 -1.75 -1.22
C LYS D 201 -11.60 -1.22 -1.84
N LEU D 202 -11.33 0.08 -1.68
CA LEU D 202 -10.10 0.69 -2.23
C LEU D 202 -8.85 -0.13 -1.93
N VAL D 203 -8.73 -0.65 -0.71
CA VAL D 203 -7.57 -1.43 -0.30
C VAL D 203 -7.38 -2.69 -1.14
N ASP D 204 -8.50 -3.23 -1.65
CA ASP D 204 -8.46 -4.44 -2.47
C ASP D 204 -7.60 -4.28 -3.73
N THR D 205 -7.48 -3.04 -4.21
CA THR D 205 -6.69 -2.79 -5.43
C THR D 205 -5.18 -2.90 -5.20
N LEU D 206 -4.75 -3.08 -3.96
CA LEU D 206 -3.33 -3.29 -3.68
C LEU D 206 -2.94 -4.77 -3.70
N SER D 207 -3.94 -5.66 -3.67
CA SER D 207 -3.70 -7.11 -3.60
C SER D 207 -4.01 -7.83 -4.91
N ILE D 208 -4.17 -7.05 -5.97
CA ILE D 208 -4.33 -7.60 -7.30
C ILE D 208 -3.16 -7.17 -8.17
N GLU D 209 -2.70 -8.06 -9.04
CA GLU D 209 -1.62 -7.78 -9.97
C GLU D 209 -2.06 -6.66 -10.93
N PHE D 210 -1.21 -5.64 -11.07
CA PHE D 210 -1.54 -4.41 -11.81
C PHE D 210 -1.95 -4.58 -13.27
N ASP D 211 -1.27 -5.46 -14.01
CA ASP D 211 -1.61 -5.72 -15.41
C ASP D 211 -3.03 -6.30 -15.56
N LYS D 212 -3.44 -7.12 -14.59
CA LYS D 212 -4.78 -7.72 -14.54
C LYS D 212 -5.87 -6.68 -14.25
N LEU D 213 -5.62 -5.79 -13.30
CA LEU D 213 -6.52 -4.68 -13.03
C LEU D 213 -6.64 -3.76 -14.27
N LYS D 214 -5.49 -3.46 -14.88
CA LYS D 214 -5.36 -2.68 -16.12
C LYS D 214 -6.18 -3.29 -17.26
N GLY D 215 -6.05 -4.61 -17.45
CA GLY D 215 -6.83 -5.36 -18.45
C GLY D 215 -8.34 -5.27 -18.32
N MET D 216 -8.82 -5.12 -17.08
CA MET D 216 -10.27 -5.03 -16.81
C MET D 216 -10.84 -3.59 -16.87
N ILE D 217 -10.14 -2.64 -16.27
CA ILE D 217 -10.69 -1.29 -16.15
C ILE D 217 -9.90 -0.22 -16.92
N GLY D 218 -8.78 -0.60 -17.51
CA GLY D 218 -7.95 0.34 -18.25
C GLY D 218 -6.87 1.00 -17.39
N GLU D 219 -5.83 1.46 -18.06
CA GLU D 219 -4.62 1.99 -17.43
C GLU D 219 -4.89 3.17 -16.51
N ALA D 220 -5.65 4.15 -17.01
CA ALA D 220 -5.87 5.38 -16.26
C ALA D 220 -6.67 5.17 -14.97
N LYS D 221 -7.75 4.40 -15.02
CA LYS D 221 -8.52 4.11 -13.80
C LYS D 221 -7.78 3.20 -12.81
N ALA D 222 -6.97 2.28 -13.34
CA ALA D 222 -6.11 1.43 -12.50
C ALA D 222 -5.12 2.29 -11.71
N LYS D 223 -4.40 3.16 -12.43
CA LYS D 223 -3.41 4.05 -11.82
C LYS D 223 -4.04 4.93 -10.76
N TYR D 224 -5.22 5.45 -11.09
CA TYR D 224 -6.01 6.27 -10.19
C TYR D 224 -6.36 5.56 -8.89
N LEU D 225 -6.97 4.38 -9.00
CA LEU D 225 -7.38 3.64 -7.81
C LEU D 225 -6.18 3.24 -6.98
N ILE D 226 -5.13 2.77 -7.64
CA ILE D 226 -3.95 2.37 -6.87
C ILE D 226 -3.36 3.57 -6.10
N SER D 227 -3.26 4.73 -6.74
CA SER D 227 -2.63 5.88 -6.05
C SER D 227 -3.51 6.46 -4.91
N LEU D 228 -4.83 6.33 -5.04
CA LEU D 228 -5.71 6.66 -3.90
C LEU D 228 -5.45 5.65 -2.78
N ALA D 229 -5.48 4.37 -3.14
CA ALA D 229 -5.24 3.29 -2.17
C ALA D 229 -3.91 3.44 -1.45
N ARG D 230 -2.89 3.89 -2.16
CA ARG D 230 -1.56 4.08 -1.57
C ARG D 230 -1.46 5.32 -0.72
N ASP D 231 -2.57 6.08 -0.64
CA ASP D 231 -2.58 7.34 0.10
C ASP D 231 -1.57 8.29 -0.54
N GLU D 232 -1.50 8.24 -1.88
CA GLU D 232 -0.54 9.05 -2.64
C GLU D 232 -1.18 10.03 -3.64
N TYR D 233 -2.51 10.01 -3.76
CA TYR D 233 -3.19 10.90 -4.70
C TYR D 233 -2.97 12.34 -4.27
N ASN D 234 -2.49 13.15 -5.21
CA ASN D 234 -2.12 14.53 -4.91
C ASN D 234 -2.22 15.45 -6.16
N GLU D 235 -3.30 15.32 -6.92
CA GLU D 235 -3.48 16.14 -8.12
C GLU D 235 -3.80 17.59 -7.74
N PRO D 236 -3.13 18.56 -8.38
CA PRO D 236 -3.24 19.96 -7.95
C PRO D 236 -4.59 20.58 -8.27
N ILE D 237 -4.96 21.62 -7.54
CA ILE D 237 -6.14 22.41 -7.84
C ILE D 237 -5.77 23.30 -9.03
N ARG D 238 -6.38 23.06 -10.19
CA ARG D 238 -6.13 23.95 -11.32
C ARG D 238 -7.40 24.51 -11.94
N THR D 239 -7.26 25.75 -12.44
CA THR D 239 -8.31 26.45 -13.17
C THR D 239 -8.81 25.55 -14.28
N ARG D 240 -10.11 25.34 -14.37
CA ARG D 240 -10.60 24.55 -15.50
C ARG D 240 -10.82 25.46 -16.70
N VAL D 241 -10.47 24.95 -17.86
CA VAL D 241 -10.68 25.66 -19.10
C VAL D 241 -11.70 24.87 -19.88
N ARG D 242 -12.79 25.55 -20.21
CA ARG D 242 -13.84 25.05 -21.08
C ARG D 242 -13.19 24.49 -22.34
N LYS D 243 -13.54 23.25 -22.70
CA LYS D 243 -12.97 22.61 -23.90
C LYS D 243 -13.96 22.49 -25.06
N SER D 244 -15.24 22.44 -24.70
CA SER D 244 -16.31 22.41 -25.70
C SER D 244 -17.55 23.13 -25.21
N ILE D 245 -18.35 23.57 -26.19
CA ILE D 245 -19.58 24.31 -25.95
C ILE D 245 -20.63 23.80 -26.94
N GLY D 246 -21.73 23.32 -26.40
CA GLY D 246 -22.73 22.69 -27.21
C GLY D 246 -24.17 22.90 -26.82
N ARG D 247 -25.02 22.38 -27.69
CA ARG D 247 -26.44 22.44 -27.52
C ARG D 247 -27.07 21.22 -28.17
N ILE D 248 -27.97 20.56 -27.44
CA ILE D 248 -28.78 19.48 -27.98
C ILE D 248 -30.26 19.75 -27.68
N VAL D 249 -31.12 19.46 -28.66
CA VAL D 249 -32.56 19.74 -28.54
C VAL D 249 -33.36 18.52 -28.97
N THR D 250 -34.58 18.41 -28.45
CA THR D 250 -35.43 17.27 -28.74
C THR D 250 -36.38 17.68 -29.84
N MET D 251 -36.54 16.80 -30.83
CA MET D 251 -37.43 17.05 -31.93
C MET D 251 -38.87 16.74 -31.51
N LYS D 252 -39.85 17.49 -32.05
CA LYS D 252 -41.26 17.20 -31.79
C LYS D 252 -41.53 15.72 -32.08
N ARG D 253 -41.18 15.26 -33.28
CA ARG D 253 -41.26 13.83 -33.61
C ARG D 253 -39.97 13.22 -34.17
N ASN D 254 -39.78 11.94 -33.92
CA ASN D 254 -38.71 11.16 -34.54
C ASN D 254 -38.68 11.31 -36.05
N SER D 255 -37.49 11.28 -36.64
CA SER D 255 -37.36 11.56 -38.07
C SER D 255 -36.06 11.04 -38.70
N ARG D 256 -36.15 10.78 -40.01
CA ARG D 256 -34.99 10.47 -40.85
C ARG D 256 -34.95 11.41 -42.04
N ASN D 257 -35.84 12.41 -42.02
CA ASN D 257 -35.91 13.40 -43.09
C ASN D 257 -35.06 14.61 -42.79
N LEU D 258 -34.12 14.91 -43.69
CA LEU D 258 -33.16 16.02 -43.54
C LEU D 258 -33.77 17.42 -43.45
N GLU D 259 -34.74 17.74 -44.30
CA GLU D 259 -35.40 19.05 -44.24
C GLU D 259 -36.22 19.22 -42.95
N GLU D 260 -36.66 18.11 -42.38
CA GLU D 260 -37.38 18.12 -41.10
C GLU D 260 -36.41 18.28 -39.92
N ILE D 261 -35.24 17.66 -40.00
CA ILE D 261 -34.28 17.71 -38.90
C ILE D 261 -33.54 19.04 -38.86
N LYS D 262 -33.29 19.62 -40.03
CA LYS D 262 -32.46 20.83 -40.22
C LYS D 262 -32.75 22.04 -39.32
N PRO D 263 -34.03 22.45 -39.18
CA PRO D 263 -34.30 23.64 -38.35
C PRO D 263 -33.95 23.45 -36.86
N TYR D 264 -34.09 22.22 -36.37
CA TYR D 264 -33.67 21.88 -35.00
C TYR D 264 -32.16 22.04 -34.91
N LEU D 265 -31.45 21.44 -35.87
CA LEU D 265 -29.99 21.48 -35.89
C LEU D 265 -29.52 22.92 -35.97
N PHE D 266 -30.16 23.72 -36.81
CA PHE D 266 -29.82 25.12 -36.95
C PHE D 266 -29.99 25.94 -35.68
N ARG D 267 -31.07 25.69 -34.93
CA ARG D 267 -31.29 26.40 -33.67
C ARG D 267 -30.24 26.01 -32.62
N ALA D 268 -29.81 24.76 -32.67
CA ALA D 268 -28.72 24.30 -31.82
C ALA D 268 -27.45 25.09 -32.08
N ILE D 269 -27.16 25.36 -33.35
CA ILE D 269 -25.98 26.14 -33.73
C ILE D 269 -26.12 27.58 -33.23
N GLU D 270 -27.26 28.20 -33.51
CA GLU D 270 -27.51 29.60 -33.15
C GLU D 270 -27.21 29.82 -31.67
N GLU D 271 -27.81 28.98 -30.83
CA GLU D 271 -27.62 29.00 -29.38
C GLU D 271 -26.18 28.68 -28.95
N SER D 272 -25.60 27.64 -29.53
CA SER D 272 -24.21 27.28 -29.24
C SER D 272 -23.29 28.43 -29.57
N TYR D 273 -23.52 29.03 -30.73
CA TYR D 273 -22.61 30.08 -31.20
C TYR D 273 -22.70 31.30 -30.29
N TYR D 274 -23.90 31.55 -29.75
CA TYR D 274 -24.08 32.62 -28.77
C TYR D 274 -23.31 32.37 -27.46
N LYS D 275 -23.31 31.13 -26.98
CA LYS D 275 -22.57 30.75 -25.77
C LYS D 275 -21.04 30.87 -25.94
N LEU D 276 -20.57 30.88 -27.19
CA LEU D 276 -19.12 30.91 -27.47
C LEU D 276 -18.37 32.09 -26.84
N ASP D 277 -19.01 33.25 -26.78
CA ASP D 277 -18.53 34.35 -25.93
C ASP D 277 -17.08 34.76 -26.26
N LYS D 278 -16.84 35.05 -27.54
CA LYS D 278 -15.53 35.49 -28.07
C LYS D 278 -14.60 34.35 -28.52
N ARG D 279 -14.86 33.14 -28.02
CA ARG D 279 -14.07 31.97 -28.40
C ARG D 279 -14.32 31.54 -29.84
N ILE D 280 -13.24 31.19 -30.54
CA ILE D 280 -13.33 30.81 -31.95
C ILE D 280 -12.97 29.33 -32.12
N PRO D 281 -13.98 28.48 -32.43
CA PRO D 281 -13.77 27.03 -32.54
C PRO D 281 -13.14 26.60 -33.87
N LYS D 282 -12.23 25.65 -33.81
CA LYS D 282 -11.66 25.06 -35.02
C LYS D 282 -12.37 23.74 -35.39
N ALA D 283 -13.14 23.17 -34.45
CA ALA D 283 -13.84 21.90 -34.68
C ALA D 283 -15.33 21.97 -34.39
N ILE D 284 -16.11 21.21 -35.17
CA ILE D 284 -17.55 21.08 -34.98
C ILE D 284 -17.93 19.59 -35.06
N HIS D 285 -18.81 19.16 -34.16
CA HIS D 285 -19.38 17.81 -34.20
C HIS D 285 -20.89 17.90 -34.17
N VAL D 286 -21.56 17.00 -34.88
CA VAL D 286 -23.03 16.91 -34.76
C VAL D 286 -23.40 15.64 -33.98
N VAL D 287 -24.37 15.72 -33.07
CA VAL D 287 -24.87 14.49 -32.39
C VAL D 287 -26.28 14.20 -32.74
N ALA D 288 -26.56 12.93 -32.95
CA ALA D 288 -27.92 12.47 -33.01
C ALA D 288 -28.10 11.43 -31.94
N VAL D 289 -29.18 11.59 -31.19
CA VAL D 289 -29.67 10.55 -30.33
C VAL D 289 -30.69 9.77 -31.17
N THR D 290 -30.48 8.47 -31.31
CA THR D 290 -31.39 7.63 -32.11
C THR D 290 -32.68 7.32 -31.34
N GLU D 291 -33.65 6.70 -32.00
CA GLU D 291 -34.92 6.29 -31.38
C GLU D 291 -34.74 5.49 -30.11
N ASP D 292 -33.79 4.57 -30.14
CA ASP D 292 -33.49 3.70 -28.99
C ASP D 292 -32.43 4.30 -28.05
N LEU D 293 -32.37 5.64 -28.05
CA LEU D 293 -31.51 6.43 -27.16
C LEU D 293 -30.01 6.17 -27.26
N ASP D 294 -29.59 5.51 -28.33
CA ASP D 294 -28.18 5.40 -28.68
C ASP D 294 -27.64 6.78 -29.12
N ILE D 295 -26.37 7.04 -28.82
CA ILE D 295 -25.75 8.32 -29.18
C ILE D 295 -24.71 8.10 -30.31
N VAL D 296 -24.91 8.78 -31.42
CA VAL D 296 -23.97 8.69 -32.55
C VAL D 296 -23.56 10.12 -32.99
N SER D 297 -22.29 10.30 -33.34
CA SER D 297 -21.83 11.62 -33.75
C SER D 297 -20.82 11.60 -34.91
N ARG D 298 -20.69 12.73 -35.58
CA ARG D 298 -19.73 12.91 -36.66
C ARG D 298 -19.21 14.33 -36.54
N GLY D 299 -17.91 14.50 -36.78
CA GLY D 299 -17.29 15.82 -36.65
C GLY D 299 -16.30 16.15 -37.76
N ARG D 300 -15.86 17.41 -37.77
CA ARG D 300 -14.82 17.89 -38.69
C ARG D 300 -13.94 18.93 -37.98
N THR D 301 -12.64 18.87 -38.23
CA THR D 301 -11.71 19.86 -37.69
C THR D 301 -11.08 20.67 -38.84
N PHE D 302 -10.93 21.99 -38.64
CA PHE D 302 -10.37 22.87 -39.66
C PHE D 302 -9.06 23.45 -39.22
N PRO D 303 -8.20 23.89 -40.17
CA PRO D 303 -6.98 24.59 -39.75
C PRO D 303 -7.21 26.04 -39.30
N HIS D 304 -8.45 26.50 -39.38
N HIS D 304 -8.45 26.49 -39.33
CA HIS D 304 -8.77 27.88 -39.00
CA HIS D 304 -8.77 27.87 -38.98
C HIS D 304 -10.08 27.88 -38.24
C HIS D 304 -10.08 27.88 -38.24
N GLY D 305 -10.43 29.02 -37.66
CA GLY D 305 -11.71 29.17 -36.95
C GLY D 305 -12.93 28.96 -37.83
N ILE D 306 -14.05 28.58 -37.22
CA ILE D 306 -15.28 28.24 -37.93
C ILE D 306 -16.27 29.38 -37.67
N SER D 307 -16.63 30.12 -38.72
CA SER D 307 -17.70 31.10 -38.57
C SER D 307 -19.07 30.42 -38.46
N LYS D 308 -20.07 31.18 -38.06
CA LYS D 308 -21.44 30.66 -37.99
C LYS D 308 -21.91 30.09 -39.34
N GLU D 309 -21.56 30.78 -40.43
CA GLU D 309 -21.94 30.38 -41.79
C GLU D 309 -21.43 28.98 -42.12
N THR D 310 -20.12 28.81 -42.03
CA THR D 310 -19.47 27.52 -42.22
C THR D 310 -20.15 26.44 -41.33
N ALA D 311 -20.46 26.83 -40.09
CA ALA D 311 -21.07 25.89 -39.12
C ALA D 311 -22.36 25.30 -39.67
N TYR D 312 -23.20 26.15 -40.25
CA TYR D 312 -24.46 25.72 -40.89
C TYR D 312 -24.22 24.66 -41.96
N SER D 313 -23.47 25.00 -43.00
CA SER D 313 -23.28 24.09 -44.12
C SER D 313 -22.49 22.86 -43.70
N GLU D 314 -21.58 23.05 -42.76
CA GLU D 314 -20.76 21.93 -42.33
C GLU D 314 -21.61 20.91 -41.53
N SER D 315 -22.51 21.42 -40.70
CA SER D 315 -23.40 20.57 -39.89
C SER D 315 -24.34 19.69 -40.72
N VAL D 316 -24.84 20.23 -41.84
CA VAL D 316 -25.69 19.46 -42.75
C VAL D 316 -25.01 18.17 -43.25
N LYS D 317 -23.75 18.28 -43.68
CA LYS D 317 -23.04 17.15 -44.23
C LYS D 317 -22.75 16.12 -43.17
N LEU D 318 -22.49 16.60 -41.95
CA LEU D 318 -22.18 15.70 -40.85
C LEU D 318 -23.45 14.91 -40.51
N LEU D 319 -24.59 15.60 -40.52
CA LEU D 319 -25.88 14.94 -40.34
C LEU D 319 -26.19 13.95 -41.50
N GLN D 320 -25.88 14.35 -42.73
CA GLN D 320 -26.10 13.46 -43.86
C GLN D 320 -25.29 12.17 -43.71
N LYS D 321 -24.10 12.30 -43.15
CA LYS D 321 -23.23 11.16 -42.96
C LYS D 321 -23.83 10.22 -41.92
N ILE D 322 -24.44 10.80 -40.87
CA ILE D 322 -25.12 10.01 -39.82
C ILE D 322 -26.31 9.27 -40.43
N LEU D 323 -27.13 10.02 -41.16
CA LEU D 323 -28.29 9.47 -41.86
C LEU D 323 -27.96 8.31 -42.79
N GLU D 324 -26.78 8.35 -43.42
CA GLU D 324 -26.41 7.29 -44.36
C GLU D 324 -25.72 6.09 -43.72
N GLU D 325 -25.06 6.32 -42.57
CA GLU D 325 -24.30 5.25 -41.91
C GLU D 325 -25.08 4.60 -40.76
N ASP D 326 -26.27 5.12 -40.49
CA ASP D 326 -27.14 4.59 -39.44
C ASP D 326 -28.61 4.66 -39.89
N GLU D 327 -29.32 3.53 -39.80
CA GLU D 327 -30.65 3.39 -40.40
C GLU D 327 -31.78 3.78 -39.45
N ARG D 328 -31.47 3.94 -38.17
CA ARG D 328 -32.47 4.28 -37.15
C ARG D 328 -32.97 5.72 -37.27
N LYS D 329 -34.16 5.96 -36.72
CA LYS D 329 -34.77 7.30 -36.70
C LYS D 329 -34.14 8.15 -35.62
N ILE D 330 -34.11 9.46 -35.83
CA ILE D 330 -33.44 10.38 -34.90
C ILE D 330 -34.42 11.05 -33.93
N ARG D 331 -34.01 11.12 -32.66
CA ARG D 331 -34.87 11.57 -31.57
C ARG D 331 -34.48 12.99 -31.14
N ARG D 332 -33.17 13.20 -30.95
CA ARG D 332 -32.60 14.48 -30.55
C ARG D 332 -31.42 14.82 -31.45
N ILE D 333 -31.18 16.11 -31.67
CA ILE D 333 -30.12 16.55 -32.55
C ILE D 333 -29.39 17.72 -31.90
N GLY D 334 -28.07 17.69 -32.01
CA GLY D 334 -27.27 18.74 -31.45
C GLY D 334 -25.95 18.94 -32.14
N VAL D 335 -25.18 19.86 -31.59
CA VAL D 335 -23.94 20.28 -32.15
C VAL D 335 -23.04 20.69 -31.01
N ARG D 336 -21.72 20.55 -31.20
CA ARG D 336 -20.78 21.09 -30.24
C ARG D 336 -19.54 21.65 -30.92
N PHE D 337 -19.02 22.73 -30.36
CA PHE D 337 -17.80 23.37 -30.87
C PHE D 337 -16.64 23.17 -29.89
N SER D 338 -15.45 22.99 -30.44
CA SER D 338 -14.27 22.73 -29.61
C SER D 338 -12.99 23.20 -30.33
N LYS D 339 -11.85 22.90 -29.73
CA LYS D 339 -10.52 23.29 -30.23
C LYS D 339 -10.50 24.81 -30.43
N PHE D 340 -10.58 25.55 -29.34
CA PHE D 340 -10.70 27.00 -29.41
C PHE D 340 -9.35 27.65 -29.72
N ILE D 341 -9.36 28.77 -30.42
CA ILE D 341 -8.14 29.47 -30.81
C ILE D 341 -7.40 30.04 -29.59
P DDG E 13 -21.32 14.26 -9.08
OP1 DDG E 13 -20.76 14.79 -7.82
OP2 DDG E 13 -22.53 13.39 -9.06
O5' DDG E 13 -21.63 15.47 -10.10
C5' DDG E 13 -20.65 16.44 -10.50
C4' DDG E 13 -21.40 17.55 -11.20
O4' DDG E 13 -21.84 17.05 -12.49
C3' DDG E 13 -22.65 18.06 -10.46
C2' DDG E 13 -23.82 17.95 -11.45
C1' DDG E 13 -23.18 17.46 -12.76
N9 DDG E 13 -23.88 16.37 -13.44
C8 DDG E 13 -23.76 15.00 -13.22
N7 DDG E 13 -24.52 14.27 -14.01
C5 DDG E 13 -25.17 15.20 -14.82
C6 DDG E 13 -26.13 15.02 -15.86
O6 DDG E 13 -26.62 13.97 -16.33
N1 DDG E 13 -26.53 16.24 -16.39
C2 DDG E 13 -26.09 17.48 -15.98
N2 DDG E 13 -26.58 18.56 -16.63
N3 DDG E 13 -25.21 17.65 -15.01
C4 DDG E 13 -24.79 16.48 -14.47
PA TTP G . 20.69 -22.47 9.13
O1A TTP G . 21.12 -21.86 7.83
O2A TTP G . 19.44 -21.89 9.74
O3A TTP G . 20.34 -24.05 9.02
PB TTP G . 21.05 -25.15 8.07
O1B TTP G . 22.17 -24.62 7.20
O2B TTP G . 21.49 -26.28 8.98
O3B TTP G . 19.86 -25.72 7.17
PG TTP G . 19.22 -25.04 5.86
O1G TTP G . 19.50 -25.92 4.66
O2G TTP G . 17.72 -25.03 5.98
O3G TTP G . 19.77 -23.68 5.51
O5' TTP G . 21.88 -22.42 10.22
C5' TTP G . 23.22 -22.76 9.88
C4' TTP G . 23.90 -23.56 11.00
O4' TTP G . 23.84 -22.91 12.26
C3' TTP G . 23.27 -24.92 11.21
O3' TTP G . 23.80 -25.88 10.30
C2' TTP G . 23.62 -25.23 12.66
C1' TTP G . 23.63 -23.84 13.34
N1 TTP G . 22.32 -23.69 14.02
C2 TTP G . 22.22 -24.10 15.36
O2 TTP G . 23.23 -24.57 15.96
N3 TTP G . 21.06 -24.02 16.03
C4 TTP G . 19.94 -23.54 15.45
O4 TTP G . 18.87 -23.46 16.10
C5 TTP G . 20.01 -23.11 14.02
C5M TTP G . 18.79 -22.55 13.34
C6 TTP G . 21.24 -23.21 13.36
CA CA H . 21.68 -19.60 7.59
CA CA I . 22.04 -22.74 5.88
CA CA J . 9.47 -15.97 10.66
N AF K . 24.79 -18.41 23.79
C2 AF K . 24.96 -17.45 24.81
C3 AF K . 26.18 -17.38 25.52
C4 AF K . 26.36 -16.46 26.54
C4A AF K . 25.31 -15.57 26.86
C4B AF K . 25.21 -14.49 27.88
C5 AF K . 26.13 -14.04 28.83
C6 AF K . 25.78 -12.99 29.67
C7 AF K . 24.53 -12.40 29.58
C8 AF K . 23.60 -12.86 28.65
C8A AF K . 23.94 -13.90 27.80
C9 AF K . 23.17 -14.59 26.71
C9A AF K . 24.10 -15.64 26.16
C1 AF K . 23.94 -16.56 25.15
PA TTP L . -25.74 17.66 -7.72
O1A TTP L . -24.77 18.26 -6.72
O2A TTP L . -25.36 16.27 -8.18
O3A TTP L . -27.19 17.46 -7.05
PB TTP L . -27.94 18.52 -6.07
O1B TTP L . -27.11 19.73 -5.67
O2B TTP L . -29.27 18.89 -6.69
O3B TTP L . -28.22 17.60 -4.79
PG TTP L . -27.20 17.38 -3.53
O1G TTP L . -27.72 18.10 -2.31
O2G TTP L . -27.17 15.91 -3.25
O3G TTP L . -25.81 17.87 -3.87
O5' TTP L . -25.93 18.59 -9.01
C5' TTP L . -26.03 20.01 -8.97
C4' TTP L . -27.10 20.50 -9.94
O4' TTP L . -26.82 19.98 -11.24
C3' TTP L . -28.50 20.00 -9.63
O3' TTP L . -29.17 20.77 -8.61
C2' TTP L . -29.19 20.02 -11.00
C1' TTP L . -28.02 19.74 -11.97
N1 TTP L . -28.11 18.32 -12.38
C2 TTP L . -28.86 17.99 -13.53
O2 TTP L . -29.42 18.92 -14.20
N3 TTP L . -29.00 16.71 -13.91
C4 TTP L . -28.39 15.72 -13.23
O4 TTP L . -28.52 14.54 -13.58
C5 TTP L . -27.62 16.03 -11.99
C5M TTP L . -26.94 14.97 -11.16
C6 TTP L . -27.51 17.37 -11.64
CA CA M . -21.86 16.89 -6.32
CA CA N . -24.91 19.79 -4.95
CA CA O . -20.72 5.30 -7.72
N AF P . -25.69 17.92 -23.51
C2 AF P . -25.00 17.74 -24.74
C3 AF P . -25.05 18.76 -25.71
C4 AF P . -24.40 18.61 -26.94
C4A AF P . -23.69 17.43 -27.20
C4B AF P . -22.91 16.98 -28.38
C5 AF P . -22.64 17.61 -29.62
C6 AF P . -21.87 16.97 -30.57
C7 AF P . -21.34 15.71 -30.34
C8 AF P . -21.59 15.07 -29.12
C8A AF P . -22.37 15.71 -28.15
C9 AF P . -22.82 15.27 -26.77
C9A AF P . -23.64 16.42 -26.22
C1 AF P . -24.29 16.57 -25.01
#